data_8RQC
#
_entry.id   8RQC
#
_cell.length_a   53.585
_cell.length_b   142.842
_cell.length_c   56.693
_cell.angle_alpha   90.000
_cell.angle_beta   112.341
_cell.angle_gamma   90.000
#
_symmetry.space_group_name_H-M   'P 1 21 1'
#
loop_
_entity.id
_entity.type
_entity.pdbx_description
1 polymer 'Protein cereblon'
2 polymer 'DNA-binding protein Ikaros'
3 non-polymer 'ZINC ION'
4 non-polymer Mezigdomide
5 water water
#
loop_
_entity_poly.entity_id
_entity_poly.type
_entity_poly.pdbx_seq_one_letter_code
_entity_poly.pdbx_strand_id
1 'polypeptide(L)'
;SAKKPNIINFDTSLPTSHTYLGADMEEFHGRTLHDDDSIQVIPVLPQVMMILVPGQTLPLQLFHPQEVSMVRNLIQNDRT
FAVLAYSNVQEREAEFGTTAEIYAYREEQDFGIEIVKVKAIGRQRFKVLELRTQSDGIQQAKVQILPEGSGDAETLMDRI
KKQLREWDENLKDDSLPSNPIDFSYWVAANLPIDDSLRIQLLKIDSAIQRLRCELDIMNKCTSLCCKQCQETEITTKNEI
FSLSREGPMAAYVNPHGYVHEILTVYKACNLNLIGRPSTEHSWFPGYAWTVAQCKICASHIGWKFTATKKDMSPQKFWGL
TRSALIPTI
;
A,D
2 'polypeptide(L)' GPGERPFQCNQCGASFTQKGNLLRHIKLHSGEKPFK B,E
#
# COMPACT_ATOMS: atom_id res chain seq x y z
N MET A 25 -37.95 -18.30 -4.49
CA MET A 25 -36.80 -18.24 -3.56
C MET A 25 -37.16 -18.98 -2.28
N GLU A 26 -36.50 -20.10 -2.01
CA GLU A 26 -36.73 -20.82 -0.74
C GLU A 26 -35.72 -20.31 0.29
N GLU A 27 -36.19 -19.61 1.32
CA GLU A 27 -35.29 -19.14 2.39
C GLU A 27 -34.83 -20.38 3.18
N PHE A 28 -33.68 -20.29 3.84
CA PHE A 28 -33.19 -21.41 4.68
C PHE A 28 -32.79 -20.84 6.04
N ARG A 31 -27.51 -23.45 10.08
CA ARG A 31 -26.46 -22.42 10.30
C ARG A 31 -25.12 -23.13 10.52
N THR A 32 -24.60 -23.77 9.48
CA THR A 32 -23.31 -24.50 9.58
C THR A 32 -22.19 -23.60 10.10
N LEU A 33 -21.66 -23.89 11.29
CA LEU A 33 -20.52 -23.11 11.84
C LEU A 33 -19.42 -24.08 12.25
N HIS A 34 -18.48 -24.36 11.35
CA HIS A 34 -17.34 -25.26 11.66
C HIS A 34 -16.56 -24.68 12.84
N ASP A 35 -15.94 -25.53 13.65
CA ASP A 35 -15.25 -25.04 14.85
C ASP A 35 -13.89 -24.47 14.45
N ASP A 36 -13.32 -23.62 15.30
CA ASP A 36 -12.03 -23.03 14.96
C ASP A 36 -10.97 -24.13 14.81
N ASP A 37 -10.00 -23.87 13.93
CA ASP A 37 -8.89 -24.79 13.71
C ASP A 37 -9.42 -26.16 13.32
N SER A 38 -10.61 -26.24 12.70
CA SER A 38 -11.11 -27.54 12.24
C SER A 38 -10.73 -27.56 10.76
N ILE A 39 -10.50 -28.75 10.21
CA ILE A 39 -10.08 -28.92 8.84
C ILE A 39 -11.21 -29.51 8.02
N GLN A 40 -11.65 -28.81 6.95
CA GLN A 40 -12.80 -29.25 6.18
C GLN A 40 -12.44 -29.41 4.71
N VAL A 41 -13.31 -30.12 4.00
CA VAL A 41 -13.16 -30.23 2.52
C VAL A 41 -14.41 -29.56 1.95
N ILE A 42 -14.26 -28.35 1.40
CA ILE A 42 -15.44 -27.57 0.92
C ILE A 42 -15.35 -27.33 -0.58
N PRO A 43 -16.45 -27.52 -1.33
CA PRO A 43 -16.47 -27.26 -2.77
C PRO A 43 -16.26 -25.78 -3.11
N VAL A 44 -15.57 -25.49 -4.22
CA VAL A 44 -15.26 -24.09 -4.61
C VAL A 44 -15.95 -23.74 -5.92
N LEU A 45 -16.80 -22.70 -5.92
CA LEU A 45 -17.40 -22.24 -7.19
C LEU A 45 -16.28 -21.57 -7.98
N PRO A 46 -15.86 -22.11 -9.13
CA PRO A 46 -14.69 -21.57 -9.84
C PRO A 46 -14.94 -20.22 -10.50
N GLN A 47 -16.04 -20.08 -11.23
CA GLN A 47 -16.32 -18.81 -11.94
C GLN A 47 -16.15 -17.67 -10.95
N VAL A 48 -16.69 -17.83 -9.74
CA VAL A 48 -16.63 -16.74 -8.73
C VAL A 48 -15.18 -16.29 -8.57
N MET A 49 -14.94 -14.99 -8.69
CA MET A 49 -13.57 -14.43 -8.50
C MET A 49 -13.72 -13.24 -7.57
N MET A 50 -14.06 -13.49 -6.31
CA MET A 50 -14.36 -12.37 -5.37
C MET A 50 -13.60 -12.51 -4.05
N ILE A 51 -13.62 -11.46 -3.23
CA ILE A 51 -12.97 -11.52 -1.90
C ILE A 51 -14.11 -11.39 -0.90
N LEU A 52 -14.83 -12.47 -0.65
CA LEU A 52 -16.01 -12.43 0.22
C LEU A 52 -15.64 -12.12 1.66
N VAL A 53 -16.43 -11.24 2.29
CA VAL A 53 -16.22 -10.87 3.69
C VAL A 53 -17.29 -11.57 4.52
N PRO A 54 -16.95 -12.19 5.65
CA PRO A 54 -17.99 -12.79 6.49
C PRO A 54 -19.08 -11.77 6.78
N GLY A 55 -20.35 -12.17 6.60
CA GLY A 55 -21.50 -11.31 6.77
C GLY A 55 -22.04 -10.68 5.47
N GLN A 56 -21.18 -10.51 4.48
CA GLN A 56 -21.59 -9.96 3.21
C GLN A 56 -22.33 -10.99 2.37
N THR A 57 -23.42 -10.58 1.72
CA THR A 57 -24.20 -11.50 0.91
C THR A 57 -23.68 -11.55 -0.52
N LEU A 58 -23.74 -12.74 -1.11
CA LEU A 58 -23.21 -12.98 -2.45
C LEU A 58 -24.30 -13.65 -3.29
N PRO A 59 -24.88 -12.93 -4.27
CA PRO A 59 -25.89 -13.51 -5.16
C PRO A 59 -25.27 -14.16 -6.37
N LEU A 60 -25.90 -15.23 -6.84
CA LEU A 60 -25.31 -15.99 -7.96
C LEU A 60 -26.38 -16.49 -8.92
N GLN A 61 -26.04 -16.62 -10.19
CA GLN A 61 -26.95 -17.19 -11.21
C GLN A 61 -26.12 -18.22 -11.93
N LEU A 62 -26.50 -19.49 -11.86
CA LEU A 62 -25.63 -20.55 -12.42
C LEU A 62 -26.31 -21.21 -13.61
N PHE A 63 -25.52 -21.59 -14.61
CA PHE A 63 -26.09 -22.17 -15.85
C PHE A 63 -25.34 -23.43 -16.26
N HIS A 64 -24.18 -23.65 -15.68
CA HIS A 64 -23.38 -24.82 -16.12
C HIS A 64 -23.94 -26.01 -15.35
N PRO A 65 -24.35 -27.07 -16.10
CA PRO A 65 -24.94 -28.24 -15.51
C PRO A 65 -24.19 -28.58 -14.23
N GLN A 66 -22.86 -28.59 -14.26
CA GLN A 66 -22.07 -29.01 -13.07
C GLN A 66 -22.35 -28.07 -11.89
N GLU A 67 -22.42 -26.78 -12.15
CA GLU A 67 -22.67 -25.77 -11.08
C GLU A 67 -24.03 -26.02 -10.42
N VAL A 68 -25.04 -26.33 -11.23
CA VAL A 68 -26.39 -26.62 -10.67
C VAL A 68 -26.29 -27.91 -9.86
N SER A 69 -25.61 -28.92 -10.41
CA SER A 69 -25.40 -30.16 -9.63
C SER A 69 -24.79 -29.77 -8.28
N MET A 70 -23.76 -28.95 -8.28
CA MET A 70 -23.15 -28.64 -6.99
C MET A 70 -24.16 -28.00 -6.05
N VAL A 71 -24.94 -27.02 -6.51
CA VAL A 71 -25.84 -26.32 -5.55
C VAL A 71 -26.92 -27.28 -5.07
N ARG A 72 -27.35 -28.18 -5.94
CA ARG A 72 -28.39 -29.17 -5.56
C ARG A 72 -27.82 -30.10 -4.49
N ASN A 73 -26.55 -30.46 -4.60
CA ASN A 73 -25.90 -31.30 -3.55
C ASN A 73 -25.72 -30.46 -2.30
N LEU A 74 -25.40 -29.18 -2.47
CA LEU A 74 -25.13 -28.39 -1.27
C LEU A 74 -26.40 -28.14 -0.47
N ILE A 75 -27.55 -28.10 -1.14
CA ILE A 75 -28.80 -27.87 -0.42
C ILE A 75 -29.10 -29.08 0.45
N GLN A 76 -28.60 -30.25 0.07
CA GLN A 76 -28.95 -31.46 0.77
C GLN A 76 -28.03 -31.73 1.95
N ASN A 77 -26.93 -30.99 2.10
CA ASN A 77 -25.99 -31.24 3.18
C ASN A 77 -25.94 -30.07 4.15
N ASP A 78 -24.96 -29.18 4.02
CA ASP A 78 -24.73 -28.12 4.98
C ASP A 78 -24.75 -26.77 4.29
N ARG A 79 -25.00 -26.77 2.98
CA ARG A 79 -25.28 -25.59 2.18
C ARG A 79 -24.13 -24.58 2.12
N THR A 80 -22.89 -24.97 2.42
CA THR A 80 -21.83 -23.98 2.38
C THR A 80 -20.81 -24.35 1.33
N PHE A 81 -20.27 -23.34 0.64
CA PHE A 81 -19.16 -23.54 -0.29
C PHE A 81 -18.09 -22.52 0.04
N ALA A 82 -16.96 -22.62 -0.67
CA ALA A 82 -15.78 -21.76 -0.43
C ALA A 82 -15.54 -20.81 -1.59
N VAL A 83 -15.35 -19.55 -1.25
CA VAL A 83 -14.98 -18.55 -2.29
C VAL A 83 -13.52 -18.20 -2.03
N LEU A 84 -12.65 -18.58 -2.95
CA LEU A 84 -11.21 -18.36 -2.75
C LEU A 84 -10.87 -16.89 -2.93
N ALA A 85 -9.89 -16.41 -2.18
CA ALA A 85 -9.43 -15.01 -2.31
C ALA A 85 -8.14 -15.00 -3.12
N TYR A 86 -8.26 -15.06 -4.44
CA TYR A 86 -7.07 -15.16 -5.32
C TYR A 86 -6.22 -13.89 -5.29
N SER A 87 -4.92 -14.07 -5.03
CA SER A 87 -3.98 -12.93 -5.15
C SER A 87 -3.34 -13.16 -6.51
N ASN A 88 -4.10 -13.70 -7.47
CA ASN A 88 -3.63 -13.94 -8.87
C ASN A 88 -2.40 -14.84 -8.99
N VAL A 89 -1.41 -14.43 -9.80
CA VAL A 89 -0.18 -15.25 -10.02
C VAL A 89 -0.70 -16.66 -10.36
N GLN A 90 -1.83 -16.74 -11.06
CA GLN A 90 -2.40 -18.05 -11.47
C GLN A 90 -3.02 -17.91 -12.86
N GLU A 93 -2.25 -19.43 -7.16
CA GLU A 93 -3.70 -19.49 -6.82
C GLU A 93 -4.01 -18.58 -5.64
N ALA A 94 -4.42 -19.17 -4.51
CA ALA A 94 -4.83 -18.34 -3.38
C ALA A 94 -4.51 -19.08 -2.08
N GLU A 95 -4.25 -18.30 -1.03
CA GLU A 95 -3.84 -18.84 0.26
C GLU A 95 -4.94 -18.81 1.31
N PHE A 96 -5.99 -18.04 1.09
CA PHE A 96 -7.10 -17.89 2.02
C PHE A 96 -8.39 -17.91 1.21
N GLY A 97 -9.49 -17.77 1.95
CA GLY A 97 -10.82 -17.77 1.34
C GLY A 97 -11.85 -17.62 2.44
N THR A 98 -13.13 -17.52 2.08
CA THR A 98 -14.21 -17.38 3.07
C THR A 98 -15.30 -18.38 2.70
N THR A 99 -15.96 -18.97 3.70
CA THR A 99 -17.05 -19.94 3.46
C THR A 99 -18.34 -19.17 3.17
N ALA A 100 -19.20 -19.74 2.33
CA ALA A 100 -20.46 -19.08 2.01
C ALA A 100 -21.59 -20.06 2.20
N GLU A 101 -22.63 -19.61 2.90
CA GLU A 101 -23.78 -20.48 3.20
C GLU A 101 -24.99 -20.02 2.39
N ILE A 102 -25.49 -20.89 1.52
CA ILE A 102 -26.69 -20.59 0.75
C ILE A 102 -27.86 -20.45 1.71
N TYR A 103 -28.59 -19.34 1.59
CA TYR A 103 -29.78 -19.13 2.46
C TYR A 103 -31.03 -18.88 1.62
N ALA A 104 -30.86 -18.62 0.33
CA ALA A 104 -32.02 -18.45 -0.59
C ALA A 104 -31.71 -19.23 -1.86
N TYR A 105 -32.70 -19.95 -2.37
CA TYR A 105 -32.48 -20.82 -3.54
C TYR A 105 -33.73 -20.90 -4.37
N ARG A 106 -33.59 -20.68 -5.67
CA ARG A 106 -34.75 -20.79 -6.59
C ARG A 106 -34.24 -21.41 -7.89
N GLU A 107 -34.93 -22.44 -8.38
CA GLU A 107 -34.53 -23.05 -9.66
C GLU A 107 -35.60 -22.75 -10.70
N GLU A 108 -35.19 -22.44 -11.92
CA GLU A 108 -36.15 -22.22 -13.02
C GLU A 108 -35.46 -22.67 -14.30
N GLN A 109 -36.12 -22.54 -15.44
CA GLN A 109 -35.42 -22.88 -16.71
C GLN A 109 -35.86 -21.93 -17.81
N ASP A 110 -34.95 -21.63 -18.73
CA ASP A 110 -35.29 -20.77 -19.90
C ASP A 110 -34.54 -21.39 -21.07
N PHE A 111 -35.17 -21.43 -22.25
CA PHE A 111 -34.52 -22.13 -23.38
C PHE A 111 -34.17 -23.56 -22.97
N GLY A 112 -35.06 -24.19 -22.21
CA GLY A 112 -34.78 -25.54 -21.70
C GLY A 112 -33.54 -25.56 -20.83
N ILE A 113 -32.89 -24.40 -20.70
CA ILE A 113 -31.64 -24.32 -19.88
C ILE A 113 -32.07 -24.11 -18.44
N GLU A 114 -31.56 -24.94 -17.53
CA GLU A 114 -31.98 -24.87 -16.12
C GLU A 114 -30.99 -24.01 -15.35
N ILE A 115 -31.54 -22.94 -14.79
CA ILE A 115 -30.73 -21.95 -14.06
C ILE A 115 -31.03 -22.01 -12.57
N VAL A 116 -30.00 -21.93 -11.74
CA VAL A 116 -30.10 -21.86 -10.29
C VAL A 116 -29.70 -20.47 -9.83
N LYS A 117 -30.57 -19.83 -9.06
CA LYS A 117 -30.29 -18.53 -8.47
C LYS A 117 -30.24 -18.69 -6.97
N VAL A 118 -29.12 -18.31 -6.38
CA VAL A 118 -28.97 -18.48 -4.94
C VAL A 118 -28.51 -17.16 -4.35
N LYS A 119 -28.81 -16.99 -3.07
CA LYS A 119 -28.21 -15.95 -2.26
C LYS A 119 -27.49 -16.67 -1.11
N ALA A 120 -26.18 -16.42 -1.02
CA ALA A 120 -25.35 -17.03 0.04
C ALA A 120 -24.82 -15.94 0.96
N ILE A 121 -24.40 -16.32 2.16
CA ILE A 121 -23.81 -15.35 3.12
C ILE A 121 -22.43 -15.83 3.55
N GLY A 122 -21.50 -14.92 3.67
CA GLY A 122 -20.15 -15.28 4.13
C GLY A 122 -20.19 -15.60 5.60
N ARG A 123 -19.50 -16.66 6.01
CA ARG A 123 -19.58 -17.08 7.42
C ARG A 123 -18.24 -17.21 8.14
N GLN A 124 -17.22 -17.74 7.50
CA GLN A 124 -15.96 -17.96 8.23
C GLN A 124 -14.75 -17.94 7.28
N ARG A 125 -13.65 -17.40 7.76
CA ARG A 125 -12.41 -17.31 6.95
C ARG A 125 -11.60 -18.61 7.10
N PHE A 126 -10.72 -18.88 6.15
CA PHE A 126 -9.97 -20.15 6.18
C PHE A 126 -8.63 -20.05 5.46
N LYS A 127 -7.67 -20.90 5.85
CA LYS A 127 -6.39 -20.97 5.14
C LYS A 127 -6.48 -22.16 4.19
N VAL A 128 -6.12 -21.97 2.93
CA VAL A 128 -6.22 -23.06 1.92
C VAL A 128 -5.02 -23.99 2.11
N LEU A 129 -5.27 -25.25 2.36
CA LEU A 129 -4.17 -26.22 2.60
C LEU A 129 -3.93 -27.01 1.31
N GLU A 130 -4.97 -27.23 0.51
CA GLU A 130 -4.83 -28.02 -0.72
C GLU A 130 -6.01 -27.74 -1.65
N LEU A 131 -5.73 -27.43 -2.92
CA LEU A 131 -6.80 -27.19 -3.91
C LEU A 131 -6.73 -28.28 -4.98
N ARG A 132 -7.84 -28.99 -5.17
CA ARG A 132 -7.86 -30.10 -6.15
C ARG A 132 -9.12 -29.99 -7.00
N THR A 133 -9.06 -30.51 -8.22
CA THR A 133 -10.21 -30.35 -9.13
C THR A 133 -10.90 -31.70 -9.30
N GLN A 134 -12.23 -31.68 -9.41
CA GLN A 134 -12.99 -32.93 -9.64
C GLN A 134 -13.11 -33.14 -11.15
N SER A 135 -13.49 -34.35 -11.56
CA SER A 135 -13.68 -34.63 -13.00
C SER A 135 -14.66 -33.61 -13.56
N ASP A 136 -15.69 -33.26 -12.79
CA ASP A 136 -16.71 -32.31 -13.31
C ASP A 136 -16.10 -30.93 -13.51
N GLY A 137 -14.94 -30.65 -12.92
CA GLY A 137 -14.32 -29.32 -13.02
C GLY A 137 -14.58 -28.50 -11.78
N ILE A 138 -15.48 -28.97 -10.92
CA ILE A 138 -15.71 -28.27 -9.63
C ILE A 138 -14.50 -28.51 -8.74
N GLN A 139 -13.97 -27.45 -8.15
CA GLN A 139 -12.80 -27.56 -7.30
C GLN A 139 -13.17 -27.78 -5.84
N GLN A 140 -12.40 -28.66 -5.20
CA GLN A 140 -12.54 -28.97 -3.78
C GLN A 140 -11.31 -28.44 -3.05
N ALA A 141 -11.55 -27.77 -1.92
CA ALA A 141 -10.50 -27.21 -1.09
C ALA A 141 -10.52 -27.86 0.29
N LYS A 142 -9.36 -28.32 0.75
CA LYS A 142 -9.17 -28.71 2.14
C LYS A 142 -8.66 -27.49 2.87
N VAL A 143 -9.42 -26.98 3.84
CA VAL A 143 -9.15 -25.68 4.45
C VAL A 143 -9.17 -25.80 5.97
N GLN A 144 -8.60 -24.79 6.63
CA GLN A 144 -8.61 -24.70 8.09
C GLN A 144 -9.38 -23.46 8.56
N ILE A 145 -10.46 -23.71 9.28
CA ILE A 145 -11.29 -22.58 9.79
C ILE A 145 -10.38 -21.75 10.68
N LEU A 146 -10.23 -20.48 10.34
CA LEU A 146 -9.30 -19.62 11.10
C LEU A 146 -10.03 -19.05 12.31
N PRO A 147 -9.32 -18.79 13.41
CA PRO A 147 -9.95 -18.29 14.61
C PRO A 147 -10.31 -16.81 14.48
N GLU A 148 -11.23 -16.35 15.32
CA GLU A 148 -11.62 -14.91 15.30
C GLU A 148 -11.18 -14.25 16.61
N GLY A 149 -9.95 -13.77 16.66
CA GLY A 149 -9.48 -13.06 17.85
C GLY A 149 -10.24 -11.78 18.02
N SER A 150 -10.70 -11.51 19.24
CA SER A 150 -11.41 -10.24 19.53
C SER A 150 -10.62 -9.43 20.56
N GLY A 151 -11.27 -8.43 21.16
CA GLY A 151 -10.57 -7.55 22.11
C GLY A 151 -11.49 -6.47 22.61
N ASP A 152 -10.99 -5.24 22.73
CA ASP A 152 -11.81 -4.16 23.33
C ASP A 152 -11.77 -2.88 22.48
N ALA A 153 -11.43 -1.76 23.10
CA ALA A 153 -11.43 -0.45 22.39
C ALA A 153 -12.81 -0.17 21.79
N GLU A 154 -13.81 0.07 22.64
CA GLU A 154 -15.11 0.52 22.11
C GLU A 154 -14.79 1.89 21.53
N THR A 155 -13.70 2.47 22.02
CA THR A 155 -13.28 3.81 21.57
C THR A 155 -12.88 3.75 20.10
N LEU A 156 -12.33 2.63 19.68
CA LEU A 156 -12.00 2.50 18.24
C LEU A 156 -13.29 2.42 17.44
N MET A 157 -14.26 1.63 17.92
CA MET A 157 -15.54 1.46 17.18
C MET A 157 -16.28 2.79 17.12
N ASP A 158 -16.29 3.54 18.23
CA ASP A 158 -17.04 4.83 18.28
C ASP A 158 -16.41 5.79 17.26
N ARG A 159 -15.08 5.80 17.19
CA ARG A 159 -14.38 6.70 16.24
C ARG A 159 -14.74 6.29 14.80
N ILE A 160 -14.61 4.99 14.50
CA ILE A 160 -14.86 4.53 13.11
C ILE A 160 -16.28 4.98 12.76
N LYS A 161 -17.22 4.67 13.65
CA LYS A 161 -18.64 4.99 13.37
C LYS A 161 -18.76 6.47 13.06
N LYS A 162 -18.11 7.30 13.85
CA LYS A 162 -18.26 8.74 13.64
C LYS A 162 -17.74 9.08 12.26
N GLN A 163 -16.58 8.54 11.91
CA GLN A 163 -15.99 8.90 10.61
C GLN A 163 -16.96 8.39 9.54
N LEU A 164 -17.54 7.22 9.78
CA LEU A 164 -18.44 6.61 8.77
C LEU A 164 -19.66 7.51 8.55
N ARG A 165 -20.26 8.00 9.63
CA ARG A 165 -21.51 8.80 9.51
C ARG A 165 -21.20 10.08 8.75
N GLU A 166 -20.06 10.68 9.05
CA GLU A 166 -19.69 11.89 8.28
C GLU A 166 -19.56 11.48 6.82
N TRP A 167 -19.00 10.33 6.53
CA TRP A 167 -18.88 9.95 5.10
C TRP A 167 -20.26 9.78 4.46
N ASP A 168 -21.20 9.09 5.11
CA ASP A 168 -22.48 8.77 4.41
C ASP A 168 -23.62 9.69 4.86
N GLU A 169 -23.79 9.88 6.16
CA GLU A 169 -24.79 10.83 6.69
C GLU A 169 -26.16 10.15 6.68
N ASN A 170 -26.28 9.04 5.95
CA ASN A 170 -27.55 8.24 5.93
C ASN A 170 -27.37 7.02 6.82
N LEU A 171 -26.17 6.85 7.36
CA LEU A 171 -25.89 5.64 8.16
C LEU A 171 -26.76 5.62 9.40
N LYS A 172 -27.27 4.44 9.76
CA LYS A 172 -28.01 4.31 11.03
C LYS A 172 -27.12 3.51 11.97
N ASP A 173 -26.56 4.17 12.98
CA ASP A 173 -25.72 3.43 13.95
C ASP A 173 -26.54 2.24 14.44
N ASP A 174 -27.84 2.44 14.66
CA ASP A 174 -28.62 1.34 15.19
C ASP A 174 -28.78 0.23 14.17
N SER A 175 -28.37 0.47 12.93
CA SER A 175 -28.27 -0.57 11.91
C SER A 175 -26.87 -1.17 11.81
N LEU A 176 -25.94 -0.80 12.70
CA LEU A 176 -24.58 -1.31 12.76
C LEU A 176 -24.42 -2.28 13.93
N PRO A 177 -23.65 -3.36 13.79
CA PRO A 177 -23.49 -4.29 14.92
C PRO A 177 -22.64 -3.72 16.05
N SER A 178 -22.77 -4.37 17.20
CA SER A 178 -22.02 -4.03 18.40
C SER A 178 -20.81 -4.93 18.61
N ASN A 179 -20.91 -6.21 18.23
CA ASN A 179 -19.77 -7.09 18.36
C ASN A 179 -18.56 -6.52 17.62
N PRO A 180 -17.41 -6.39 18.29
CA PRO A 180 -16.18 -5.97 17.59
C PRO A 180 -15.91 -6.80 16.35
N ILE A 181 -16.06 -8.12 16.43
CA ILE A 181 -15.79 -8.94 15.26
C ILE A 181 -16.78 -8.62 14.14
N ASP A 182 -18.08 -8.51 14.47
CA ASP A 182 -19.07 -8.28 13.43
C ASP A 182 -18.91 -6.90 12.81
N PHE A 183 -18.70 -5.90 13.67
CA PHE A 183 -18.53 -4.54 13.18
C PHE A 183 -17.33 -4.45 12.25
N SER A 184 -16.22 -5.08 12.62
CA SER A 184 -15.05 -5.04 11.75
C SER A 184 -15.38 -5.53 10.36
N TYR A 185 -16.27 -6.52 10.25
CA TYR A 185 -16.53 -7.16 8.97
C TYR A 185 -17.57 -6.39 8.18
N TRP A 186 -18.52 -5.76 8.86
CA TRP A 186 -19.41 -4.84 8.19
C TRP A 186 -18.60 -3.72 7.55
N VAL A 187 -17.73 -3.08 8.35
CA VAL A 187 -16.85 -2.07 7.83
C VAL A 187 -16.03 -2.64 6.69
N ALA A 188 -15.52 -3.86 6.87
CA ALA A 188 -14.70 -4.44 5.82
C ALA A 188 -15.49 -4.69 4.54
N ALA A 189 -16.81 -4.91 4.65
CA ALA A 189 -17.63 -5.17 3.47
C ALA A 189 -18.13 -3.90 2.79
N ASN A 190 -18.25 -2.79 3.51
CA ASN A 190 -18.85 -1.57 2.98
C ASN A 190 -17.83 -0.44 2.93
N LEU A 191 -16.56 -0.74 2.68
CA LEU A 191 -15.55 0.29 2.52
C LEU A 191 -15.04 0.28 1.10
N PRO A 192 -15.07 1.41 0.40
CA PRO A 192 -14.65 1.44 -1.01
C PRO A 192 -13.17 1.24 -1.19
N ILE A 193 -12.69 0.02 -1.01
CA ILE A 193 -11.25 -0.24 -0.96
C ILE A 193 -10.93 -1.31 -2.00
N ASP A 194 -9.68 -1.30 -2.50
CA ASP A 194 -9.36 -2.32 -3.49
C ASP A 194 -9.20 -3.69 -2.83
N ASP A 195 -9.32 -4.70 -3.69
CA ASP A 195 -9.17 -6.08 -3.27
C ASP A 195 -7.88 -6.26 -2.46
N SER A 196 -6.78 -5.69 -2.94
CA SER A 196 -5.52 -5.87 -2.23
C SER A 196 -5.63 -5.36 -0.80
N LEU A 197 -6.47 -4.35 -0.56
CA LEU A 197 -6.70 -3.95 0.82
C LEU A 197 -7.71 -4.88 1.49
N ARG A 198 -8.67 -5.37 0.71
CA ARG A 198 -9.63 -6.32 1.25
C ARG A 198 -8.93 -7.62 1.65
N ILE A 199 -7.87 -7.98 0.93
CA ILE A 199 -7.16 -9.24 1.26
C ILE A 199 -6.29 -9.02 2.49
N GLN A 200 -5.72 -7.82 2.65
CA GLN A 200 -4.84 -7.57 3.80
C GLN A 200 -5.68 -7.77 5.04
N LEU A 201 -6.86 -7.17 5.08
CA LEU A 201 -7.78 -7.46 6.20
C LEU A 201 -8.26 -8.88 5.91
N LEU A 202 -9.14 -9.44 6.74
CA LEU A 202 -9.51 -10.86 6.55
C LEU A 202 -8.28 -11.69 6.92
N LYS A 203 -7.11 -11.35 6.37
CA LYS A 203 -5.91 -12.06 6.81
C LYS A 203 -5.54 -11.79 8.26
N ILE A 204 -6.06 -10.73 8.85
CA ILE A 204 -5.87 -10.39 10.25
C ILE A 204 -6.93 -11.13 11.04
N ASP A 205 -6.49 -11.91 12.05
CA ASP A 205 -7.46 -12.61 12.88
C ASP A 205 -7.93 -11.76 14.05
N SER A 206 -7.15 -10.74 14.43
CA SER A 206 -7.47 -9.89 15.56
C SER A 206 -8.44 -8.81 15.13
N ALA A 207 -9.66 -8.86 15.66
CA ALA A 207 -10.63 -7.81 15.39
C ALA A 207 -9.99 -6.45 15.57
N ILE A 208 -9.30 -6.25 16.69
CA ILE A 208 -8.70 -4.95 16.96
C ILE A 208 -7.73 -4.58 15.86
N GLN A 209 -6.85 -5.49 15.47
CA GLN A 209 -5.96 -5.15 14.38
C GLN A 209 -6.78 -4.86 13.11
N ARG A 210 -7.87 -5.60 12.90
CA ARG A 210 -8.73 -5.29 11.76
C ARG A 210 -9.29 -3.87 11.84
N LEU A 211 -9.95 -3.54 12.97
CA LEU A 211 -10.52 -2.21 13.13
C LEU A 211 -9.50 -1.10 12.92
N ARG A 212 -8.33 -1.28 13.51
CA ARG A 212 -7.24 -0.27 13.40
C ARG A 212 -6.92 -0.04 11.94
N CYS A 213 -6.67 -1.13 11.22
CA CYS A 213 -6.37 -1.00 9.80
C CYS A 213 -7.49 -0.29 9.06
N GLU A 214 -8.74 -0.57 9.45
CA GLU A 214 -9.86 0.11 8.81
C GLU A 214 -9.77 1.61 9.06
N LEU A 215 -9.44 1.99 10.30
CA LEU A 215 -9.25 3.41 10.59
C LEU A 215 -8.15 4.00 9.73
N ASP A 216 -6.98 3.34 9.70
CA ASP A 216 -5.89 3.84 8.88
C ASP A 216 -6.34 4.03 7.44
N ILE A 217 -7.27 3.19 6.97
CA ILE A 217 -7.78 3.32 5.62
C ILE A 217 -8.67 4.56 5.52
N MET A 218 -9.67 4.64 6.39
CA MET A 218 -10.61 5.74 6.37
C MET A 218 -9.91 7.08 6.53
N ASN A 219 -8.76 7.07 7.19
CA ASN A 219 -8.08 8.35 7.49
C ASN A 219 -7.08 8.68 6.38
N LYS A 220 -6.87 7.78 5.43
CA LYS A 220 -5.82 8.00 4.41
C LYS A 220 -6.43 7.98 3.00
N CYS A 221 -7.73 8.20 2.89
CA CYS A 221 -8.39 8.14 1.56
C CYS A 221 -9.75 8.84 1.44
N THR A 222 -9.87 9.73 0.46
CA THR A 222 -11.08 10.60 0.35
C THR A 222 -11.64 10.53 -1.08
N SER A 223 -10.85 10.05 -2.03
CA SER A 223 -11.26 10.09 -3.46
C SER A 223 -11.11 8.73 -4.11
N LEU A 224 -11.90 8.48 -5.14
CA LEU A 224 -11.85 7.19 -5.87
C LEU A 224 -11.54 7.46 -7.34
N CYS A 225 -10.83 6.56 -8.00
CA CYS A 225 -10.39 6.84 -9.39
C CYS A 225 -10.53 5.58 -10.27
N CYS A 226 -10.48 5.74 -11.59
CA CYS A 226 -10.57 4.63 -12.53
C CYS A 226 -9.27 3.83 -12.48
N LYS A 227 -9.37 2.50 -12.32
CA LYS A 227 -8.16 1.68 -12.20
C LYS A 227 -7.36 1.59 -13.49
N GLN A 228 -8.01 1.63 -14.66
CA GLN A 228 -7.26 1.34 -15.88
C GLN A 228 -6.38 2.51 -16.31
N CYS A 229 -6.75 3.75 -15.97
CA CYS A 229 -5.89 4.88 -16.27
C CYS A 229 -5.41 5.58 -15.03
N GLN A 230 -6.17 5.52 -13.93
CA GLN A 230 -5.81 6.18 -12.69
C GLN A 230 -5.53 7.66 -12.94
N GLU A 231 -6.20 8.22 -13.93
CA GLU A 231 -6.05 9.62 -14.23
C GLU A 231 -7.36 10.36 -14.10
N THR A 232 -8.36 9.75 -13.44
CA THR A 232 -9.68 10.37 -13.31
C THR A 232 -10.24 10.06 -11.95
N GLU A 233 -10.39 11.09 -11.14
CA GLU A 233 -11.13 11.01 -9.91
C GLU A 233 -12.61 10.97 -10.27
N ILE A 234 -13.31 9.95 -9.78
CA ILE A 234 -14.70 9.75 -10.14
C ILE A 234 -15.64 10.30 -9.08
N THR A 235 -15.34 10.09 -7.82
CA THR A 235 -16.22 10.57 -6.76
C THR A 235 -15.40 10.71 -5.48
N THR A 236 -16.06 11.21 -4.45
CA THR A 236 -15.38 11.39 -3.14
C THR A 236 -16.18 10.69 -2.05
N LYS A 237 -15.58 10.49 -0.88
CA LYS A 237 -16.24 9.74 0.22
C LYS A 237 -17.50 10.47 0.67
N ASN A 238 -17.54 11.79 0.53
CA ASN A 238 -18.70 12.58 1.02
C ASN A 238 -19.90 12.32 0.12
N GLU A 239 -19.67 11.66 -1.02
CA GLU A 239 -20.78 11.42 -1.97
C GLU A 239 -21.37 10.04 -1.70
N ILE A 240 -20.63 9.19 -0.98
CA ILE A 240 -21.15 7.86 -0.68
C ILE A 240 -22.43 7.94 0.15
N PHE A 241 -23.46 7.23 -0.28
CA PHE A 241 -24.74 7.22 0.50
C PHE A 241 -25.31 5.79 0.54
N SER A 242 -26.07 5.48 1.59
CA SER A 242 -26.64 4.13 1.74
C SER A 242 -28.11 4.17 1.34
N LEU A 243 -28.50 3.34 0.36
CA LEU A 243 -29.91 3.30 -0.08
C LEU A 243 -30.63 2.16 0.62
N SER A 244 -29.90 1.37 1.41
CA SER A 244 -30.51 0.19 2.08
C SER A 244 -29.70 -0.21 3.31
N ARG A 245 -30.16 -1.24 4.03
CA ARG A 245 -29.47 -1.75 5.24
C ARG A 245 -28.07 -2.31 4.93
N GLU A 246 -27.85 -2.93 3.78
CA GLU A 246 -26.51 -3.56 3.56
C GLU A 246 -25.47 -2.45 3.60
N GLY A 247 -25.90 -1.20 3.47
CA GLY A 247 -24.95 -0.10 3.61
C GLY A 247 -24.59 0.53 2.30
N PRO A 248 -23.51 1.30 2.24
CA PRO A 248 -23.16 2.01 1.03
C PRO A 248 -22.72 1.09 -0.13
N MET A 249 -22.36 -0.16 0.18
CA MET A 249 -21.88 -1.10 -0.86
C MET A 249 -22.77 -2.34 -0.84
N ALA A 250 -22.82 -3.04 -1.96
CA ALA A 250 -23.67 -4.25 -2.05
C ALA A 250 -23.40 -5.01 -3.34
N ALA A 251 -23.66 -6.32 -3.33
CA ALA A 251 -23.39 -7.14 -4.49
C ALA A 251 -24.70 -7.50 -5.17
N TYR A 252 -24.67 -7.51 -6.50
CA TYR A 252 -25.85 -7.74 -7.32
C TYR A 252 -25.43 -8.63 -8.47
N VAL A 253 -26.35 -9.44 -8.95
CA VAL A 253 -26.06 -10.36 -10.05
C VAL A 253 -26.85 -9.88 -11.27
N ASN A 254 -26.15 -9.73 -12.38
CA ASN A 254 -26.79 -9.23 -13.59
C ASN A 254 -27.42 -10.41 -14.33
N PRO A 255 -28.19 -10.17 -15.40
CA PRO A 255 -28.93 -11.27 -16.02
C PRO A 255 -28.04 -12.38 -16.54
N HIS A 256 -26.72 -12.22 -16.52
CA HIS A 256 -25.84 -13.28 -17.00
C HIS A 256 -24.92 -13.85 -15.92
N GLY A 257 -25.12 -13.47 -14.67
CA GLY A 257 -24.32 -14.07 -13.60
C GLY A 257 -23.14 -13.21 -13.22
N TYR A 258 -22.80 -12.24 -14.06
CA TYR A 258 -21.73 -11.32 -13.68
C TYR A 258 -22.12 -10.67 -12.35
N VAL A 259 -21.28 -10.83 -11.35
CA VAL A 259 -21.60 -10.26 -10.01
C VAL A 259 -20.91 -8.90 -9.89
N HIS A 260 -21.65 -7.90 -9.42
CA HIS A 260 -21.11 -6.55 -9.26
C HIS A 260 -21.33 -6.08 -7.85
N GLU A 261 -20.25 -5.60 -7.25
CA GLU A 261 -20.30 -4.93 -5.95
C GLU A 261 -20.41 -3.44 -6.20
N ILE A 262 -21.58 -2.87 -5.92
CA ILE A 262 -21.92 -1.53 -6.35
C ILE A 262 -21.84 -0.55 -5.18
N LEU A 263 -20.99 0.48 -5.36
CA LEU A 263 -20.91 1.59 -4.44
C LEU A 263 -21.82 2.71 -4.95
N THR A 264 -22.83 3.04 -4.18
CA THR A 264 -23.79 4.06 -4.55
C THR A 264 -23.33 5.40 -4.02
N VAL A 265 -23.21 6.36 -4.94
CA VAL A 265 -22.82 7.74 -4.58
C VAL A 265 -23.85 8.67 -5.22
N TYR A 266 -24.01 9.87 -4.69
CA TYR A 266 -24.99 10.84 -5.22
C TYR A 266 -24.45 11.51 -6.48
N LYS A 267 -23.17 11.87 -6.48
CA LYS A 267 -22.57 12.59 -7.63
C LYS A 267 -21.30 11.90 -8.10
N ALA A 268 -21.00 11.99 -9.39
CA ALA A 268 -19.75 11.42 -9.95
C ALA A 268 -19.25 12.32 -11.07
N CYS A 269 -17.97 12.23 -11.43
CA CYS A 269 -17.37 13.04 -12.48
C CYS A 269 -16.49 12.19 -13.38
N ASN A 270 -16.14 12.77 -14.51
CA ASN A 270 -15.29 12.15 -15.52
C ASN A 270 -15.93 10.93 -16.15
N LEU A 271 -17.25 10.89 -16.23
CA LEU A 271 -17.97 9.76 -16.76
C LEU A 271 -18.72 10.19 -18.01
N ASN A 272 -18.74 9.28 -19.00
CA ASN A 272 -19.60 9.38 -20.17
C ASN A 272 -20.65 8.29 -20.09
N LEU A 273 -21.89 8.63 -20.45
CA LEU A 273 -23.01 7.71 -20.48
C LEU A 273 -23.18 7.09 -21.87
N ILE A 274 -23.66 5.85 -21.91
CA ILE A 274 -23.83 5.13 -23.17
C ILE A 274 -25.32 5.03 -23.45
N GLY A 275 -25.82 5.94 -24.32
CA GLY A 275 -27.16 5.82 -24.85
C GLY A 275 -28.25 6.33 -23.92
N ARG A 276 -29.46 5.67 -24.03
CA ARG A 276 -30.68 5.99 -23.28
C ARG A 276 -30.81 5.09 -22.07
N PRO A 277 -31.48 5.53 -21.00
CA PRO A 277 -31.68 4.67 -19.84
C PRO A 277 -32.45 3.43 -20.24
N SER A 278 -32.22 2.37 -19.49
CA SER A 278 -32.95 1.12 -19.63
C SER A 278 -33.47 0.72 -18.27
N THR A 279 -34.58 -0.03 -18.27
CA THR A 279 -35.20 -0.47 -17.05
C THR A 279 -35.09 -1.97 -16.86
N GLU A 280 -34.55 -2.67 -17.84
CA GLU A 280 -34.52 -4.14 -17.73
C GLU A 280 -33.65 -4.55 -16.55
N HIS A 281 -34.16 -5.41 -15.65
CA HIS A 281 -33.36 -5.98 -14.54
C HIS A 281 -32.74 -4.89 -13.67
N SER A 282 -33.46 -3.80 -13.43
CA SER A 282 -32.92 -2.76 -12.52
C SER A 282 -32.79 -3.32 -11.12
N TRP A 283 -31.58 -3.31 -10.59
CA TRP A 283 -31.35 -3.76 -9.22
C TRP A 283 -32.02 -2.87 -8.19
N PHE A 284 -32.33 -1.64 -8.57
CA PHE A 284 -32.96 -0.68 -7.64
C PHE A 284 -34.33 -0.45 -8.29
N PRO A 285 -35.40 -1.05 -7.74
CA PRO A 285 -36.72 -0.95 -8.35
C PRO A 285 -37.14 0.52 -8.41
N GLY A 286 -37.55 0.97 -9.58
CA GLY A 286 -37.94 2.38 -9.75
C GLY A 286 -36.92 3.19 -10.53
N TYR A 287 -35.70 2.68 -10.64
CA TYR A 287 -34.66 3.51 -11.29
C TYR A 287 -34.22 2.88 -12.61
N ALA A 288 -33.90 3.75 -13.57
CA ALA A 288 -33.41 3.28 -14.89
C ALA A 288 -31.88 3.31 -14.87
N TRP A 289 -31.25 2.55 -15.77
CA TRP A 289 -29.78 2.44 -15.72
C TRP A 289 -29.15 2.77 -17.07
N THR A 290 -28.10 3.56 -17.07
CA THR A 290 -27.34 3.80 -18.30
C THR A 290 -25.88 3.52 -17.94
N VAL A 291 -25.21 2.73 -18.75
CA VAL A 291 -23.81 2.43 -18.46
C VAL A 291 -23.00 3.71 -18.44
N ALA A 292 -22.04 3.75 -17.51
CA ALA A 292 -21.13 4.90 -17.39
C ALA A 292 -19.72 4.41 -17.66
N GLN A 293 -18.90 5.22 -18.33
CA GLN A 293 -17.51 4.81 -18.58
C GLN A 293 -16.54 5.99 -18.37
N CYS A 294 -15.27 5.68 -18.14
CA CYS A 294 -14.24 6.71 -17.92
C CYS A 294 -14.07 7.60 -19.15
N LYS A 295 -14.03 8.91 -18.92
CA LYS A 295 -13.83 9.86 -20.02
C LYS A 295 -12.48 9.73 -20.69
N ILE A 296 -11.47 9.22 -20.00
CA ILE A 296 -10.11 9.19 -20.51
C ILE A 296 -9.76 7.84 -21.12
N CYS A 297 -10.09 6.75 -20.45
CA CYS A 297 -9.78 5.41 -20.93
C CYS A 297 -10.99 4.60 -21.38
N ALA A 298 -12.22 5.09 -21.15
CA ALA A 298 -13.45 4.46 -21.64
C ALA A 298 -13.76 3.12 -20.96
N SER A 299 -13.18 2.87 -19.78
CA SER A 299 -13.43 1.63 -19.09
C SER A 299 -14.70 1.77 -18.24
N HIS A 300 -15.48 0.70 -18.19
CA HIS A 300 -16.73 0.68 -17.44
C HIS A 300 -16.47 0.99 -15.96
N ILE A 301 -17.24 1.93 -15.41
CA ILE A 301 -17.13 2.26 -14.00
C ILE A 301 -18.39 1.86 -13.22
N GLY A 302 -19.51 1.96 -13.90
CA GLY A 302 -20.77 1.55 -13.28
C GLY A 302 -21.96 1.99 -14.08
N TRP A 303 -22.97 2.48 -13.39
CA TRP A 303 -24.22 2.87 -14.08
C TRP A 303 -24.78 4.12 -13.40
N LYS A 304 -25.42 4.96 -14.19
CA LYS A 304 -26.13 6.10 -13.58
C LYS A 304 -27.56 5.64 -13.40
N PHE A 305 -28.13 5.91 -12.24
CA PHE A 305 -29.53 5.49 -11.98
C PHE A 305 -30.37 6.76 -11.93
N THR A 306 -31.43 6.79 -12.73
CA THR A 306 -32.30 7.96 -12.76
C THR A 306 -33.73 7.53 -12.52
N ALA A 307 -34.41 8.24 -11.65
CA ALA A 307 -35.80 7.90 -11.30
C ALA A 307 -36.71 7.97 -12.53
N THR A 308 -37.74 7.12 -12.50
CA THR A 308 -38.78 7.11 -13.50
C THR A 308 -40.10 7.69 -13.00
N LYS A 309 -40.06 8.24 -11.78
CA LYS A 309 -41.26 8.88 -11.17
C LYS A 309 -40.81 10.10 -10.37
N LYS A 310 -41.58 11.19 -10.40
CA LYS A 310 -41.15 12.43 -9.71
C LYS A 310 -41.19 12.21 -8.21
N ASP A 311 -41.92 11.20 -7.75
CA ASP A 311 -42.07 10.94 -6.29
C ASP A 311 -40.73 10.57 -5.65
N MET A 312 -39.89 9.78 -6.31
CA MET A 312 -38.65 9.29 -5.64
C MET A 312 -37.75 10.48 -5.29
N SER A 313 -37.29 10.54 -4.04
CA SER A 313 -36.47 11.69 -3.58
C SER A 313 -35.09 11.75 -4.25
N PRO A 314 -34.34 10.64 -4.39
CA PRO A 314 -32.98 10.72 -4.95
C PRO A 314 -33.01 11.20 -6.40
N GLN A 315 -33.93 10.67 -7.21
CA GLN A 315 -34.09 11.15 -8.61
C GLN A 315 -32.88 10.70 -9.43
N LYS A 316 -31.68 11.10 -9.03
CA LYS A 316 -30.44 10.69 -9.73
C LYS A 316 -29.43 10.12 -8.73
N PHE A 317 -28.74 9.03 -9.08
CA PHE A 317 -27.67 8.49 -8.20
C PHE A 317 -26.75 7.61 -9.06
N TRP A 318 -25.54 7.32 -8.54
CA TRP A 318 -24.57 6.52 -9.32
C TRP A 318 -24.27 5.21 -8.61
N GLY A 319 -24.14 4.13 -9.37
CA GLY A 319 -23.72 2.85 -8.79
C GLY A 319 -22.39 2.44 -9.39
N LEU A 320 -21.29 2.68 -8.67
CA LEU A 320 -19.98 2.41 -9.23
C LEU A 320 -19.58 0.99 -8.85
N THR A 321 -18.92 0.31 -9.77
CA THR A 321 -18.53 -1.08 -9.57
C THR A 321 -17.19 -1.14 -8.84
N ARG A 322 -17.14 -1.78 -7.67
CA ARG A 322 -15.90 -1.76 -6.84
C ARG A 322 -14.69 -2.23 -7.64
N SER A 323 -14.91 -3.16 -8.56
CA SER A 323 -13.80 -3.69 -9.34
C SER A 323 -13.13 -2.67 -10.22
N ALA A 324 -13.78 -1.52 -10.51
CA ALA A 324 -13.25 -0.54 -11.44
C ALA A 324 -12.65 0.69 -10.79
N LEU A 325 -12.72 0.80 -9.46
CA LEU A 325 -12.19 1.95 -8.71
C LEU A 325 -10.94 1.56 -7.90
N ILE A 326 -10.20 2.58 -7.50
CA ILE A 326 -9.07 2.39 -6.58
C ILE A 326 -8.93 3.61 -5.70
N PRO A 327 -8.62 3.43 -4.41
CA PRO A 327 -8.44 4.55 -3.50
C PRO A 327 -7.21 5.34 -3.86
N THR A 328 -7.21 6.61 -3.47
CA THR A 328 -6.05 7.51 -3.74
C THR A 328 -4.76 6.87 -3.23
N PRO B 6 -29.20 -6.77 -29.82
CA PRO B 6 -29.00 -5.34 -30.08
C PRO B 6 -27.53 -4.98 -29.83
N PHE B 7 -26.63 -5.95 -30.02
CA PHE B 7 -25.19 -5.69 -29.71
C PHE B 7 -25.07 -5.28 -28.23
N GLN B 8 -25.81 -5.93 -27.33
CA GLN B 8 -25.71 -5.66 -25.87
C GLN B 8 -24.52 -6.39 -25.21
N CYS B 9 -23.95 -5.79 -24.17
CA CYS B 9 -22.84 -6.41 -23.42
C CYS B 9 -23.42 -7.26 -22.28
N ASN B 10 -22.94 -8.49 -22.12
CA ASN B 10 -23.41 -9.37 -21.02
C ASN B 10 -22.95 -8.81 -19.68
N GLN B 11 -21.74 -8.23 -19.62
CA GLN B 11 -21.18 -7.77 -18.32
C GLN B 11 -21.94 -6.56 -17.76
N CYS B 12 -22.21 -5.52 -18.56
CA CYS B 12 -22.83 -4.29 -17.99
C CYS B 12 -24.17 -3.90 -18.61
N GLY B 13 -24.56 -4.50 -19.72
CA GLY B 13 -25.79 -4.12 -20.34
C GLY B 13 -25.64 -3.03 -21.39
N ALA B 14 -24.43 -2.50 -21.60
CA ALA B 14 -24.23 -1.44 -22.57
C ALA B 14 -24.67 -1.92 -23.95
N SER B 15 -25.57 -1.16 -24.55
CA SER B 15 -26.14 -1.51 -25.84
C SER B 15 -25.51 -0.62 -26.90
N PHE B 16 -25.38 -1.16 -28.11
CA PHE B 16 -24.69 -0.41 -29.19
C PHE B 16 -25.44 -0.53 -30.52
N THR B 17 -25.29 0.49 -31.38
CA THR B 17 -25.93 0.49 -32.71
C THR B 17 -25.08 -0.33 -33.65
N GLN B 18 -23.78 -0.35 -33.40
CA GLN B 18 -22.85 -1.07 -34.31
C GLN B 18 -22.11 -2.17 -33.55
N LYS B 19 -22.01 -3.35 -34.16
CA LYS B 19 -21.32 -4.49 -33.57
C LYS B 19 -19.88 -4.15 -33.20
N GLY B 20 -19.15 -3.53 -34.12
CA GLY B 20 -17.76 -3.19 -33.84
C GLY B 20 -17.62 -2.28 -32.64
N ASN B 21 -18.64 -1.46 -32.38
CA ASN B 21 -18.63 -0.64 -31.17
C ASN B 21 -18.76 -1.53 -29.94
N LEU B 22 -19.61 -2.56 -30.01
CA LEU B 22 -19.71 -3.50 -28.91
C LEU B 22 -18.39 -4.24 -28.74
N LEU B 23 -17.85 -4.77 -29.84
CA LEU B 23 -16.62 -5.55 -29.77
C LEU B 23 -15.50 -4.79 -29.08
N ARG B 24 -15.32 -3.51 -29.39
CA ARG B 24 -14.25 -2.82 -28.70
C ARG B 24 -14.64 -2.43 -27.30
N HIS B 25 -15.93 -2.45 -26.97
CA HIS B 25 -16.34 -2.24 -25.59
C HIS B 25 -16.05 -3.47 -24.73
N ILE B 26 -16.31 -4.66 -25.24
CA ILE B 26 -16.10 -5.89 -24.44
C ILE B 26 -14.61 -6.03 -24.14
N LYS B 27 -13.76 -5.75 -25.14
CA LYS B 27 -12.29 -5.89 -24.96
C LYS B 27 -11.78 -4.91 -23.90
N LEU B 28 -12.63 -3.98 -23.45
CA LEU B 28 -12.22 -3.06 -22.36
C LEU B 28 -12.56 -3.74 -21.03
N HIS B 29 -13.47 -4.71 -21.06
CA HIS B 29 -13.77 -5.49 -19.84
C HIS B 29 -12.73 -6.59 -19.77
N SER B 30 -12.60 -7.37 -20.85
CA SER B 30 -11.60 -8.46 -20.91
C SER B 30 -10.22 -7.83 -20.99
N GLY B 31 -9.19 -8.53 -20.52
CA GLY B 31 -7.87 -7.88 -20.48
C GLY B 31 -7.96 -6.61 -19.66
N GLU B 32 -9.06 -6.42 -18.94
CA GLU B 32 -9.15 -5.24 -18.05
C GLU B 32 -7.87 -5.18 -17.22
N PRO C 15 21.58 19.89 9.82
CA PRO C 15 20.43 19.25 9.17
C PRO C 15 20.20 17.83 9.67
N THR C 16 21.28 17.14 10.07
CA THR C 16 21.18 15.73 10.52
C THR C 16 20.36 15.66 11.82
N SER C 17 20.24 16.78 12.53
CA SER C 17 19.46 16.83 13.78
C SER C 17 17.95 16.70 13.50
N HIS C 18 17.53 16.84 12.23
CA HIS C 18 16.10 16.67 11.86
C HIS C 18 15.22 17.65 12.66
N THR C 19 15.54 18.95 12.58
CA THR C 19 14.77 20.00 13.30
C THR C 19 13.32 20.02 12.82
N TYR C 20 13.09 19.68 11.55
CA TYR C 20 11.72 19.73 10.97
C TYR C 20 10.76 18.78 11.69
N LEU C 21 11.20 17.57 12.03
CA LEU C 21 10.27 16.59 12.63
C LEU C 21 9.76 17.11 13.96
N GLY C 22 10.63 17.70 14.77
CA GLY C 22 10.10 18.28 16.02
C GLY C 22 11.12 18.99 16.87
N ALA C 23 10.66 19.62 17.96
CA ALA C 23 11.57 20.29 18.91
C ALA C 23 11.48 19.59 20.26
N ASP C 24 10.28 19.53 20.83
CA ASP C 24 10.10 18.94 22.16
C ASP C 24 10.04 17.42 21.98
N MET C 25 11.19 16.86 21.59
CA MET C 25 11.30 15.40 21.41
C MET C 25 12.08 14.81 22.59
N GLU C 26 11.64 13.66 23.08
CA GLU C 26 12.34 13.01 24.23
C GLU C 26 13.60 12.34 23.71
N GLU C 27 14.72 12.57 24.40
CA GLU C 27 16.02 11.97 24.00
C GLU C 27 16.35 10.84 24.96
N PHE C 28 16.70 9.67 24.42
CA PHE C 28 17.10 8.53 25.27
C PHE C 28 18.60 8.28 25.08
N GLY C 30 23.07 5.16 24.20
CA GLY C 30 21.83 4.82 24.87
C GLY C 30 21.84 3.47 25.58
N ARG C 31 21.56 2.42 24.80
CA ARG C 31 21.45 1.06 25.39
C ARG C 31 22.65 0.20 25.05
N THR C 32 23.07 -0.64 26.00
CA THR C 32 24.17 -1.59 25.80
C THR C 32 23.82 -2.57 24.68
N LEU C 33 24.71 -2.68 23.70
CA LEU C 33 24.42 -3.50 22.53
C LEU C 33 24.39 -5.00 22.85
N HIS C 34 23.62 -5.73 22.03
CA HIS C 34 23.61 -7.17 22.10
C HIS C 34 25.00 -7.69 21.74
N ASP C 35 25.43 -8.79 22.37
CA ASP C 35 26.78 -9.31 22.12
C ASP C 35 26.83 -10.03 20.77
N ASP C 36 28.05 -10.16 20.23
CA ASP C 36 28.19 -10.80 18.93
C ASP C 36 27.78 -12.26 18.98
N ASP C 37 27.30 -12.79 17.86
CA ASP C 37 26.93 -14.23 17.79
C ASP C 37 25.78 -14.52 18.76
N SER C 38 25.12 -13.48 19.25
CA SER C 38 23.93 -13.67 20.11
C SER C 38 22.73 -13.91 19.21
N ILE C 39 21.76 -14.71 19.68
CA ILE C 39 20.51 -14.91 18.90
C ILE C 39 19.39 -14.16 19.64
N GLN C 40 18.80 -13.15 19.00
CA GLN C 40 17.79 -12.30 19.68
C GLN C 40 16.43 -12.38 18.97
N VAL C 41 15.38 -11.88 19.59
CA VAL C 41 14.04 -11.81 18.92
C VAL C 41 13.69 -10.33 18.85
N ILE C 42 13.56 -9.80 17.64
CA ILE C 42 13.35 -8.35 17.49
C ILE C 42 12.13 -8.07 16.60
N PRO C 43 11.27 -7.11 16.96
CA PRO C 43 10.15 -6.74 16.08
C PRO C 43 10.66 -6.00 14.84
N VAL C 44 10.03 -6.33 13.72
CA VAL C 44 10.43 -5.76 12.42
C VAL C 44 9.45 -4.70 11.96
N LEU C 45 9.94 -3.51 11.64
CA LEU C 45 9.05 -2.55 10.99
C LEU C 45 8.87 -2.97 9.54
N PRO C 46 7.68 -3.44 9.12
CA PRO C 46 7.54 -3.98 7.77
C PRO C 46 7.60 -2.87 6.71
N GLN C 47 7.12 -1.68 7.04
CA GLN C 47 7.07 -0.59 6.03
C GLN C 47 8.46 -0.11 5.61
N VAL C 48 9.39 0.02 6.55
CA VAL C 48 10.73 0.57 6.21
C VAL C 48 11.30 -0.31 5.12
N MET C 49 11.69 0.31 4.01
CA MET C 49 12.25 -0.46 2.88
C MET C 49 13.62 0.10 2.50
N MET C 50 14.54 0.12 3.46
CA MET C 50 15.91 0.66 3.22
C MET C 50 16.97 -0.33 3.67
N ILE C 51 18.16 -0.24 3.09
CA ILE C 51 19.30 -1.06 3.57
C ILE C 51 19.99 -0.20 4.62
N LEU C 52 19.50 -0.23 5.86
CA LEU C 52 20.04 0.68 6.90
C LEU C 52 21.49 0.31 7.21
N VAL C 53 22.33 1.32 7.43
CA VAL C 53 23.77 1.09 7.69
C VAL C 53 24.03 1.48 9.15
N PRO C 54 24.76 0.64 9.92
CA PRO C 54 25.07 0.96 11.30
C PRO C 54 25.63 2.38 11.42
N GLY C 55 25.04 3.20 12.30
CA GLY C 55 25.50 4.59 12.49
C GLY C 55 24.61 5.59 11.78
N GLN C 56 23.89 5.14 10.76
CA GLN C 56 23.00 6.02 9.98
C GLN C 56 21.74 6.31 10.79
N THR C 57 21.31 7.56 10.84
CA THR C 57 20.09 7.89 11.55
C THR C 57 18.87 7.69 10.65
N LEU C 58 17.77 7.25 11.23
CA LEU C 58 16.54 6.97 10.48
C LEU C 58 15.38 7.74 11.12
N PRO C 59 14.88 8.79 10.43
CA PRO C 59 13.74 9.55 10.92
C PRO C 59 12.44 8.89 10.44
N LEU C 60 11.43 8.87 11.30
CA LEU C 60 10.18 8.17 10.94
C LEU C 60 8.97 8.93 11.48
N GLN C 61 7.93 9.02 10.67
CA GLN C 61 6.65 9.63 11.10
C GLN C 61 5.62 8.53 10.91
N LEU C 62 5.07 7.99 11.99
CA LEU C 62 4.23 6.82 11.87
C LEU C 62 2.79 7.25 12.09
N PHE C 63 1.91 6.81 11.19
CA PHE C 63 0.50 7.13 11.30
C PHE C 63 -0.36 5.91 11.45
N HIS C 64 0.06 4.78 10.92
CA HIS C 64 -0.76 3.59 11.00
C HIS C 64 -0.86 3.16 12.47
N PRO C 65 -2.09 2.97 13.02
CA PRO C 65 -2.26 2.64 14.44
C PRO C 65 -1.45 1.42 14.89
N GLN C 66 -1.25 0.44 14.01
CA GLN C 66 -0.47 -0.77 14.36
C GLN C 66 0.97 -0.37 14.66
N GLU C 67 1.56 0.46 13.79
CA GLU C 67 2.97 0.87 13.98
C GLU C 67 3.08 1.74 15.23
N VAL C 68 2.07 2.56 15.50
CA VAL C 68 2.17 3.48 16.66
C VAL C 68 2.07 2.62 17.91
N SER C 69 1.30 1.54 17.84
CA SER C 69 1.12 0.65 19.01
C SER C 69 2.45 -0.06 19.31
N MET C 70 3.13 -0.53 18.27
CA MET C 70 4.42 -1.25 18.48
C MET C 70 5.45 -0.27 19.03
N VAL C 71 5.66 0.85 18.36
CA VAL C 71 6.73 1.74 18.79
C VAL C 71 6.49 2.26 20.19
N ARG C 72 5.23 2.48 20.57
CA ARG C 72 4.95 2.84 21.96
C ARG C 72 5.38 1.72 22.87
N ASN C 73 5.14 0.48 22.44
CA ASN C 73 5.62 -0.66 23.19
C ASN C 73 7.14 -0.68 23.21
N LEU C 74 7.77 -0.28 22.10
CA LEU C 74 9.22 -0.37 22.03
C LEU C 74 9.90 0.64 22.93
N ILE C 75 9.26 1.78 23.17
CA ILE C 75 9.91 2.79 23.99
C ILE C 75 10.09 2.30 25.41
N GLN C 76 9.24 1.39 25.86
CA GLN C 76 9.31 0.90 27.23
C GLN C 76 10.16 -0.36 27.40
N ASN C 77 10.74 -0.91 26.34
CA ASN C 77 11.58 -2.08 26.52
C ASN C 77 13.00 -1.71 26.14
N ASP C 78 13.38 -1.99 24.90
CA ASP C 78 14.76 -1.84 24.47
C ASP C 78 14.92 -0.79 23.39
N ARG C 79 13.84 -0.12 23.00
CA ARG C 79 13.88 0.97 22.04
C ARG C 79 14.46 0.53 20.72
N THR C 80 14.52 -0.77 20.47
CA THR C 80 15.20 -1.30 19.29
C THR C 80 14.24 -2.13 18.45
N PHE C 81 14.30 -1.93 17.15
CA PHE C 81 13.58 -2.75 16.18
C PHE C 81 14.53 -3.13 15.07
N ALA C 82 14.06 -3.99 14.18
CA ALA C 82 14.84 -4.51 13.07
C ALA C 82 14.34 -3.93 11.74
N VAL C 83 15.29 -3.51 10.91
CA VAL C 83 14.97 -3.02 9.54
C VAL C 83 15.54 -4.07 8.59
N LEU C 84 14.68 -4.83 7.94
CA LEU C 84 15.12 -5.93 7.09
C LEU C 84 15.80 -5.43 5.83
N ALA C 85 16.49 -6.34 5.16
CA ALA C 85 17.19 -6.11 3.89
C ALA C 85 16.58 -7.00 2.81
N TYR C 86 15.58 -6.47 2.10
CA TYR C 86 14.89 -7.17 1.02
C TYR C 86 15.68 -7.07 -0.28
N SER C 87 15.97 -8.22 -0.92
CA SER C 87 16.47 -8.20 -2.29
C SER C 87 15.35 -8.32 -3.32
N ASN C 88 14.23 -8.91 -2.88
CA ASN C 88 13.01 -9.00 -3.72
C ASN C 88 11.90 -8.43 -2.83
N VAL C 89 11.68 -7.12 -2.88
CA VAL C 89 10.55 -6.48 -2.14
C VAL C 89 10.77 -4.97 -2.14
N GLU C 91 6.58 -12.18 -0.96
CA GLU C 91 7.66 -11.40 -1.60
C GLU C 91 8.59 -10.85 -0.51
N ARG C 92 8.56 -11.43 0.69
CA ARG C 92 9.55 -11.00 1.70
C ARG C 92 10.80 -11.81 1.42
N GLU C 93 11.88 -11.14 1.04
CA GLU C 93 13.12 -11.86 0.66
C GLU C 93 14.27 -11.23 1.42
N ALA C 94 14.31 -11.45 2.74
CA ALA C 94 15.39 -10.88 3.55
C ALA C 94 16.19 -12.01 4.18
N GLU C 95 17.50 -11.99 3.98
CA GLU C 95 18.37 -12.98 4.66
C GLU C 95 19.25 -12.22 5.65
N PHE C 96 19.26 -10.90 5.55
CA PHE C 96 20.11 -10.07 6.44
C PHE C 96 19.32 -8.83 6.88
N GLY C 97 19.92 -8.01 7.73
CA GLY C 97 19.20 -6.85 8.25
C GLY C 97 20.02 -6.08 9.26
N THR C 98 19.46 -5.00 9.78
CA THR C 98 20.21 -4.16 10.71
C THR C 98 19.25 -3.73 11.82
N THR C 99 19.78 -3.53 13.02
CA THR C 99 18.92 -3.09 14.11
C THR C 99 18.96 -1.58 14.18
N ALA C 100 17.90 -0.98 14.71
CA ALA C 100 17.77 0.46 14.89
C ALA C 100 17.25 0.74 16.28
N GLU C 101 17.87 1.70 16.97
CA GLU C 101 17.56 2.05 18.36
C GLU C 101 17.00 3.45 18.42
N ILE C 102 15.80 3.59 18.98
CA ILE C 102 15.16 4.88 19.11
C ILE C 102 15.94 5.75 20.09
N TYR C 103 16.40 6.91 19.64
CA TYR C 103 17.09 7.87 20.54
C TYR C 103 16.23 9.12 20.76
N ALA C 104 15.30 9.41 19.84
CA ALA C 104 14.43 10.57 19.96
C ALA C 104 13.02 10.13 19.64
N TYR C 105 12.08 10.56 20.47
CA TYR C 105 10.70 10.13 20.40
C TYR C 105 9.81 11.29 20.77
N ARG C 106 8.72 11.43 20.00
CA ARG C 106 7.74 12.51 20.22
C ARG C 106 6.36 12.02 19.83
N GLU C 107 5.40 12.20 20.71
CA GLU C 107 4.02 11.80 20.46
C GLU C 107 3.26 13.02 19.96
N GLU C 108 2.49 12.87 18.89
CA GLU C 108 1.85 14.05 18.33
C GLU C 108 0.49 13.65 17.78
N GLN C 109 -0.41 14.64 17.63
CA GLN C 109 -1.73 14.34 17.02
C GLN C 109 -2.27 15.56 16.28
N ASP C 110 -2.53 15.41 14.99
CA ASP C 110 -3.16 16.47 14.24
C ASP C 110 -4.15 15.88 13.25
N PHE C 111 -5.19 16.66 12.93
CA PHE C 111 -6.21 16.25 11.97
C PHE C 111 -6.92 14.97 12.39
N GLY C 112 -7.06 14.80 13.71
CA GLY C 112 -7.65 13.61 14.29
C GLY C 112 -6.87 12.33 14.06
N ILE C 113 -5.60 12.42 13.68
CA ILE C 113 -4.76 11.25 13.47
C ILE C 113 -3.60 11.29 14.46
N GLU C 114 -3.40 10.21 15.21
CA GLU C 114 -2.35 10.18 16.22
C GLU C 114 -1.03 9.79 15.59
N ILE C 115 -0.01 10.60 15.84
CA ILE C 115 1.27 10.51 15.15
C ILE C 115 2.37 10.23 16.16
N VAL C 116 3.24 9.28 15.81
CA VAL C 116 4.46 9.03 16.57
C VAL C 116 5.64 9.36 15.67
N LYS C 117 6.52 10.24 16.15
CA LYS C 117 7.72 10.67 15.46
C LYS C 117 8.96 10.16 16.20
N VAL C 118 9.80 9.38 15.51
CA VAL C 118 10.97 8.78 16.12
C VAL C 118 12.20 9.11 15.30
N LYS C 119 13.35 9.14 15.98
CA LYS C 119 14.65 9.15 15.32
C LYS C 119 15.41 7.95 15.85
N ALA C 120 15.73 7.02 14.95
CA ALA C 120 16.49 5.81 15.35
C ALA C 120 17.87 5.85 14.72
N ILE C 121 18.79 5.01 15.21
CA ILE C 121 20.15 4.92 14.61
C ILE C 121 20.51 3.45 14.46
N GLY C 122 21.04 3.08 13.30
CA GLY C 122 21.48 1.70 13.06
C GLY C 122 22.60 1.34 14.01
N ARG C 123 22.51 0.17 14.63
CA ARG C 123 23.52 -0.21 15.64
C ARG C 123 24.22 -1.50 15.23
N GLN C 124 23.48 -2.53 14.81
CA GLN C 124 24.14 -3.84 14.57
C GLN C 124 23.53 -4.62 13.39
N ARG C 125 24.37 -5.33 12.64
CA ARG C 125 23.89 -6.20 11.58
C ARG C 125 23.53 -7.57 12.13
N PHE C 126 22.68 -8.29 11.40
CA PHE C 126 22.26 -9.60 11.89
C PHE C 126 21.86 -10.47 10.72
N LYS C 127 21.86 -11.79 10.94
CA LYS C 127 21.35 -12.72 9.94
C LYS C 127 19.96 -13.21 10.37
N VAL C 128 19.01 -13.20 9.43
CA VAL C 128 17.65 -13.61 9.75
C VAL C 128 17.59 -15.13 9.73
N LEU C 129 17.09 -15.71 10.84
CA LEU C 129 16.84 -17.14 10.98
C LEU C 129 15.36 -17.51 10.88
N GLU C 130 14.47 -16.65 11.37
CA GLU C 130 13.07 -16.99 11.46
C GLU C 130 12.26 -15.71 11.51
N LEU C 131 11.22 -15.64 10.70
CA LEU C 131 10.26 -14.54 10.72
C LEU C 131 8.90 -15.14 11.01
N ARG C 132 8.24 -14.64 12.05
CA ARG C 132 6.90 -15.11 12.36
C ARG C 132 6.10 -13.91 12.82
N THR C 133 4.80 -13.93 12.48
CA THR C 133 3.88 -12.88 12.93
C THR C 133 3.04 -13.39 14.10
N GLN C 134 2.97 -12.63 15.18
CA GLN C 134 2.24 -12.97 16.40
C GLN C 134 0.73 -12.77 16.27
N SER C 135 0.02 -13.11 17.36
CA SER C 135 -1.42 -12.90 17.43
C SER C 135 -1.78 -11.42 17.54
N ASP C 136 -0.92 -10.62 18.17
CA ASP C 136 -1.14 -9.19 18.25
C ASP C 136 -0.99 -8.49 16.91
N GLY C 137 -0.44 -9.19 15.90
CA GLY C 137 -0.20 -8.64 14.59
C GLY C 137 1.21 -8.17 14.32
N ILE C 138 2.05 -7.99 15.36
CA ILE C 138 3.39 -7.49 15.14
C ILE C 138 4.26 -8.62 14.61
N GLN C 139 5.12 -8.31 13.65
CA GLN C 139 6.00 -9.34 13.12
C GLN C 139 7.32 -9.34 13.89
N GLN C 140 7.71 -10.52 14.36
CA GLN C 140 8.96 -10.66 15.14
C GLN C 140 10.00 -11.43 14.32
N ALA C 141 11.27 -11.03 14.45
CA ALA C 141 12.38 -11.73 13.78
C ALA C 141 13.40 -12.20 14.82
N LYS C 142 13.83 -13.47 14.74
CA LYS C 142 14.87 -13.99 15.65
C LYS C 142 16.21 -13.64 15.02
N VAL C 143 17.09 -12.83 15.54
CA VAL C 143 18.26 -12.52 14.67
C VAL C 143 19.59 -13.02 15.23
N GLN C 144 20.57 -13.29 14.34
CA GLN C 144 21.87 -13.57 14.98
C GLN C 144 22.81 -12.39 14.73
N ILE C 145 23.17 -11.66 15.77
CA ILE C 145 24.05 -10.48 15.64
C ILE C 145 25.37 -10.94 15.02
N LEU C 146 25.74 -10.33 13.90
CA LEU C 146 26.98 -10.71 13.20
C LEU C 146 28.17 -10.02 13.88
N PRO C 147 29.36 -10.63 13.85
CA PRO C 147 30.51 -10.06 14.52
C PRO C 147 31.10 -8.87 13.77
N GLU C 148 31.76 -7.97 14.49
CA GLU C 148 32.36 -6.80 13.86
C GLU C 148 33.88 -6.99 13.91
N GLY C 149 34.44 -7.47 12.81
CA GLY C 149 35.88 -7.61 12.70
C GLY C 149 36.57 -6.28 12.47
N SER C 150 37.78 -6.17 12.97
CA SER C 150 38.57 -4.94 12.85
C SER C 150 40.03 -5.31 12.72
N GLY C 151 40.88 -4.30 12.69
CA GLY C 151 42.32 -4.54 12.64
C GLY C 151 43.06 -3.24 12.45
N ASP C 152 44.22 -3.36 11.84
CA ASP C 152 44.98 -2.19 11.43
C ASP C 152 44.57 -1.83 10.00
N ALA C 153 44.11 -0.59 9.80
CA ALA C 153 43.65 -0.15 8.49
C ALA C 153 44.11 1.26 8.14
N GLU C 154 45.13 1.77 8.82
CA GLU C 154 45.57 3.16 8.60
C GLU C 154 45.82 3.47 7.12
N THR C 155 46.44 2.54 6.42
CA THR C 155 46.74 2.76 4.98
C THR C 155 45.44 2.97 4.21
N LEU C 156 44.54 1.99 4.27
CA LEU C 156 43.25 2.06 3.55
C LEU C 156 42.53 3.36 3.92
N MET C 157 42.41 3.64 5.20
CA MET C 157 41.64 4.84 5.61
C MET C 157 42.31 6.08 5.02
N ASP C 158 43.64 6.14 5.00
CA ASP C 158 44.29 7.25 4.33
C ASP C 158 43.99 7.28 2.83
N ARG C 159 44.10 6.14 2.16
CA ARG C 159 43.77 6.11 0.72
C ARG C 159 42.35 6.64 0.51
N ILE C 160 41.41 6.30 1.39
CA ILE C 160 39.99 6.71 1.22
C ILE C 160 39.86 8.22 1.41
N LYS C 161 40.38 8.74 2.53
CA LYS C 161 40.22 10.19 2.81
C LYS C 161 40.72 10.98 1.61
N LYS C 162 41.87 10.58 1.06
CA LYS C 162 42.46 11.33 -0.07
C LYS C 162 41.43 11.38 -1.19
N GLN C 163 41.00 10.22 -1.66
CA GLN C 163 40.03 10.18 -2.79
C GLN C 163 38.78 10.94 -2.37
N LEU C 164 38.51 10.99 -1.08
CA LEU C 164 37.37 11.78 -0.62
C LEU C 164 37.61 13.28 -0.80
N ARG C 165 38.85 13.71 -0.63
CA ARG C 165 39.07 15.18 -0.72
C ARG C 165 38.95 15.54 -2.20
N GLU C 166 39.31 14.61 -3.06
CA GLU C 166 39.28 14.87 -4.52
C GLU C 166 37.85 14.82 -5.03
N TRP C 167 36.89 14.61 -4.14
CA TRP C 167 35.48 14.64 -4.57
C TRP C 167 34.79 15.82 -3.90
N ASP C 168 34.60 15.75 -2.59
CA ASP C 168 33.91 16.82 -1.83
C ASP C 168 34.70 17.39 -0.67
N GLU C 169 35.70 16.64 -0.19
CA GLU C 169 36.47 17.08 1.00
C GLU C 169 37.49 18.08 0.46
N ASN C 170 37.35 18.48 -0.81
CA ASN C 170 38.22 19.57 -1.31
C ASN C 170 38.01 20.73 -0.33
N LEU C 171 36.74 21.03 -0.04
CA LEU C 171 36.42 22.11 0.94
C LEU C 171 35.84 21.47 2.22
N LYS C 172 35.86 20.15 2.33
CA LYS C 172 35.25 19.48 3.51
C LYS C 172 36.34 19.01 4.47
N ASP C 173 36.22 19.38 5.75
CA ASP C 173 37.25 19.03 6.75
C ASP C 173 37.22 17.52 7.00
N ASP C 174 38.36 16.95 7.39
CA ASP C 174 38.43 15.48 7.64
C ASP C 174 37.91 15.20 9.06
N SER C 175 36.68 15.61 9.35
CA SER C 175 36.07 15.24 10.66
C SER C 175 35.35 13.89 10.47
N LEU C 176 36.10 12.79 10.46
CA LEU C 176 35.50 11.45 10.18
C LEU C 176 35.87 10.50 11.31
N PRO C 177 35.12 9.41 11.54
CA PRO C 177 35.39 8.51 12.68
C PRO C 177 36.76 7.83 12.62
N SER C 178 37.48 7.81 13.75
CA SER C 178 38.81 7.14 13.84
C SER C 178 38.67 5.61 13.73
N ASN C 179 37.67 5.02 14.39
CA ASN C 179 37.52 3.54 14.42
C ASN C 179 37.37 3.01 13.00
N PRO C 180 38.16 2.00 12.58
CA PRO C 180 37.98 1.40 11.27
C PRO C 180 36.53 0.98 11.04
N ILE C 181 35.92 0.33 12.03
CA ILE C 181 34.55 -0.14 11.84
C ILE C 181 33.63 1.04 11.60
N ASP C 182 33.80 2.13 12.38
CA ASP C 182 32.93 3.28 12.21
C ASP C 182 33.19 3.96 10.87
N PHE C 183 34.46 4.08 10.51
CA PHE C 183 34.80 4.66 9.21
C PHE C 183 34.21 3.82 8.09
N SER C 184 34.36 2.50 8.18
CA SER C 184 33.82 1.66 7.12
C SER C 184 32.34 1.94 6.92
N TYR C 185 31.61 2.26 8.00
CA TYR C 185 30.17 2.43 7.88
C TYR C 185 29.77 3.83 7.46
N TRP C 186 30.52 4.86 7.86
CA TRP C 186 30.29 6.22 7.34
C TRP C 186 30.45 6.24 5.82
N VAL C 187 31.58 5.72 5.33
CA VAL C 187 31.75 5.58 3.89
C VAL C 187 30.60 4.80 3.30
N ALA C 188 30.17 3.74 3.97
CA ALA C 188 29.09 2.92 3.45
C ALA C 188 27.78 3.68 3.39
N ALA C 189 27.55 4.61 4.32
CA ALA C 189 26.29 5.32 4.40
C ALA C 189 26.21 6.47 3.42
N ASN C 190 27.34 6.95 2.95
CA ASN C 190 27.44 8.14 2.13
C ASN C 190 28.11 7.82 0.80
N LEU C 191 27.81 6.67 0.22
CA LEU C 191 28.42 6.32 -1.05
C LEU C 191 27.34 6.18 -2.13
N PRO C 192 27.47 6.89 -3.27
CA PRO C 192 26.43 6.86 -4.31
C PRO C 192 26.34 5.52 -5.03
N ILE C 193 25.85 4.49 -4.35
CA ILE C 193 25.92 3.12 -4.84
C ILE C 193 24.52 2.52 -4.78
N ASP C 194 24.25 1.57 -5.66
CA ASP C 194 22.93 0.95 -5.61
C ASP C 194 22.81 0.03 -4.39
N ASP C 195 21.56 -0.29 -4.04
CA ASP C 195 21.27 -1.16 -2.90
C ASP C 195 22.03 -2.48 -2.95
N SER C 196 21.92 -3.17 -4.08
CA SER C 196 22.52 -4.50 -4.21
C SER C 196 24.00 -4.47 -3.92
N LEU C 197 24.66 -3.33 -4.14
CA LEU C 197 26.04 -3.22 -3.74
C LEU C 197 26.20 -2.74 -2.29
N ARG C 198 25.24 -1.97 -1.79
CA ARG C 198 25.32 -1.54 -0.37
C ARG C 198 25.19 -2.79 0.51
N ILE C 199 24.32 -3.71 0.12
CA ILE C 199 24.11 -4.89 0.93
C ILE C 199 25.39 -5.76 0.96
N GLN C 200 26.17 -5.74 -0.12
CA GLN C 200 27.44 -6.46 -0.16
C GLN C 200 28.37 -6.01 0.95
N LEU C 201 28.46 -4.70 1.17
CA LEU C 201 29.40 -4.21 2.19
C LEU C 201 28.89 -4.65 3.57
N LEU C 202 27.57 -4.66 3.75
CA LEU C 202 26.98 -5.01 5.07
C LEU C 202 27.13 -6.49 5.31
N LYS C 203 27.37 -7.25 4.24
CA LYS C 203 27.52 -8.72 4.37
C LYS C 203 28.98 -9.05 4.70
N ILE C 204 29.87 -8.07 4.63
CA ILE C 204 31.25 -8.29 5.04
C ILE C 204 31.35 -8.06 6.54
N ASP C 205 31.93 -9.01 7.28
CA ASP C 205 32.07 -8.84 8.72
C ASP C 205 33.36 -8.16 9.12
N SER C 206 34.39 -8.22 8.30
CA SER C 206 35.68 -7.62 8.60
C SER C 206 35.75 -6.18 8.08
N ALA C 207 35.97 -5.23 9.00
CA ALA C 207 36.17 -3.84 8.60
C ALA C 207 37.16 -3.74 7.45
N ILE C 208 38.33 -4.37 7.60
CA ILE C 208 39.41 -4.25 6.61
C ILE C 208 38.89 -4.58 5.21
N GLN C 209 38.19 -5.70 5.05
CA GLN C 209 37.67 -6.05 3.72
C GLN C 209 36.60 -5.07 3.26
N ARG C 210 35.72 -4.64 4.16
CA ARG C 210 34.75 -3.62 3.81
C ARG C 210 35.46 -2.38 3.28
N LEU C 211 36.47 -1.92 4.00
CA LEU C 211 37.18 -0.69 3.58
C LEU C 211 37.75 -0.93 2.19
N ARG C 212 38.27 -2.14 1.94
CA ARG C 212 38.93 -2.41 0.64
C ARG C 212 37.89 -2.31 -0.47
N CYS C 213 36.81 -3.07 -0.35
CA CYS C 213 35.74 -3.05 -1.37
C CYS C 213 35.30 -1.60 -1.60
N GLU C 214 35.24 -0.80 -0.53
CA GLU C 214 34.83 0.61 -0.66
C GLU C 214 35.84 1.31 -1.57
N LEU C 215 37.13 1.14 -1.29
CA LEU C 215 38.13 1.77 -2.14
C LEU C 215 37.97 1.35 -3.60
N ASP C 216 37.95 0.03 -3.86
CA ASP C 216 37.77 -0.45 -5.22
C ASP C 216 36.50 0.10 -5.84
N ILE C 217 35.54 0.51 -5.02
CA ILE C 217 34.26 1.04 -5.54
C ILE C 217 34.48 2.52 -5.88
N MET C 218 35.02 3.25 -4.92
CA MET C 218 35.21 4.70 -5.10
C MET C 218 35.99 4.98 -6.39
N ASN C 219 36.88 4.08 -6.78
CA ASN C 219 37.71 4.29 -7.98
C ASN C 219 36.93 3.89 -9.22
N LYS C 220 35.82 3.18 -9.07
CA LYS C 220 35.12 2.69 -10.27
C LYS C 220 33.78 3.41 -10.47
N CYS C 221 33.45 4.37 -9.61
CA CYS C 221 32.18 5.15 -9.77
CA CYS C 221 32.18 5.16 -9.74
C CYS C 221 32.36 6.59 -10.29
N THR C 222 31.59 6.88 -11.35
CA THR C 222 31.76 8.21 -11.99
C THR C 222 30.46 8.99 -12.06
N SER C 223 29.47 8.44 -12.76
CA SER C 223 28.24 9.22 -13.01
C SER C 223 27.01 8.61 -12.38
N LEU C 224 25.95 9.41 -12.26
CA LEU C 224 24.66 8.92 -11.75
C LEU C 224 23.61 9.19 -12.84
N CYS C 225 22.93 8.16 -13.30
CA CYS C 225 21.89 8.28 -14.35
C CYS C 225 20.50 8.05 -13.75
N CYS C 226 19.42 8.22 -14.52
CA CYS C 226 18.09 7.92 -13.96
C CYS C 226 17.81 6.44 -14.16
N LYS C 227 17.19 5.82 -13.18
CA LYS C 227 16.98 4.36 -13.22
C LYS C 227 15.88 3.96 -14.20
N GLN C 228 14.80 4.73 -14.35
CA GLN C 228 13.72 4.22 -15.18
C GLN C 228 14.03 4.26 -16.66
N CYS C 229 14.98 5.10 -17.08
CA CYS C 229 15.30 5.26 -18.53
C CYS C 229 16.72 4.74 -18.75
N GLN C 230 17.62 4.93 -17.80
CA GLN C 230 19.04 4.53 -17.86
C GLN C 230 19.76 5.20 -19.04
N GLU C 231 19.22 6.30 -19.57
CA GLU C 231 19.85 7.00 -20.68
C GLU C 231 20.07 8.46 -20.37
N THR C 232 20.14 8.83 -19.10
CA THR C 232 20.34 10.22 -18.81
C THR C 232 21.17 10.41 -17.55
N GLU C 233 22.35 10.97 -17.72
CA GLU C 233 23.21 11.35 -16.61
C GLU C 233 22.67 12.59 -15.91
N ILE C 234 22.54 12.50 -14.59
CA ILE C 234 22.03 13.61 -13.78
C ILE C 234 23.16 14.40 -13.12
N THR C 235 24.19 13.75 -12.58
CA THR C 235 25.26 14.49 -11.91
C THR C 235 26.50 13.60 -11.85
N THR C 236 27.60 14.14 -11.32
CA THR C 236 28.88 13.44 -11.24
C THR C 236 29.42 13.49 -9.81
N LYS C 237 30.26 12.49 -9.46
CA LYS C 237 30.80 12.43 -8.10
C LYS C 237 31.47 13.75 -7.71
N ASN C 238 32.01 14.48 -8.68
CA ASN C 238 32.67 15.75 -8.44
C ASN C 238 31.72 16.82 -7.92
N GLU C 239 30.41 16.60 -8.05
CA GLU C 239 29.44 17.56 -7.58
C GLU C 239 29.07 17.32 -6.13
N ILE C 240 29.35 16.12 -5.64
CA ILE C 240 28.97 15.74 -4.28
C ILE C 240 29.58 16.71 -3.29
N PHE C 241 28.77 17.13 -2.33
CA PHE C 241 29.23 18.02 -1.28
C PHE C 241 28.41 17.75 -0.04
N SER C 242 28.89 18.20 1.11
CA SER C 242 28.16 17.91 2.36
C SER C 242 27.73 19.21 3.02
N LEU C 243 26.44 19.34 3.30
CA LEU C 243 25.92 20.55 3.99
C LEU C 243 25.65 20.18 5.44
N SER C 244 25.88 18.91 5.78
CA SER C 244 25.67 18.44 7.17
C SER C 244 26.92 17.73 7.68
N ARG C 245 26.80 17.04 8.81
CA ARG C 245 27.93 16.23 9.32
C ARG C 245 27.65 14.78 8.94
N GLU C 246 26.60 14.57 8.15
CA GLU C 246 26.22 13.20 7.74
C GLU C 246 26.98 12.80 6.49
N GLY C 247 27.77 13.73 5.98
CA GLY C 247 28.49 13.45 4.72
C GLY C 247 27.58 13.76 3.57
N PRO C 248 27.79 13.25 2.35
CA PRO C 248 26.94 13.66 1.24
C PRO C 248 25.52 13.08 1.24
N MET C 249 25.27 12.02 2.00
CA MET C 249 23.95 11.35 1.94
C MET C 249 23.31 11.29 3.32
N ALA C 250 21.99 11.40 3.37
CA ALA C 250 21.25 11.38 4.62
C ALA C 250 19.80 11.09 4.33
N ALA C 251 19.10 10.63 5.35
CA ALA C 251 17.72 10.26 5.24
C ALA C 251 16.90 11.32 5.94
N TYR C 252 15.82 11.69 5.25
CA TYR C 252 14.87 12.68 5.77
C TYR C 252 13.49 12.12 5.51
N VAL C 253 12.52 12.47 6.35
CA VAL C 253 11.14 11.99 6.25
C VAL C 253 10.24 13.18 5.91
N ASN C 254 9.34 13.00 4.95
CA ASN C 254 8.43 14.07 4.55
C ASN C 254 7.16 14.05 5.41
N PRO C 255 6.33 15.10 5.32
CA PRO C 255 5.18 15.20 6.26
C PRO C 255 4.15 14.09 6.15
N HIS C 256 4.28 13.19 5.19
CA HIS C 256 3.35 12.07 5.07
C HIS C 256 4.05 10.73 5.35
N GLY C 257 5.27 10.76 5.89
CA GLY C 257 5.97 9.58 6.31
C GLY C 257 6.99 9.03 5.35
N TYR C 258 7.07 9.55 4.13
CA TYR C 258 7.99 8.98 3.13
C TYR C 258 9.43 9.34 3.50
N VAL C 259 10.29 8.32 3.64
CA VAL C 259 11.69 8.56 3.94
C VAL C 259 12.42 8.60 2.62
N HIS C 260 13.28 9.60 2.46
CA HIS C 260 14.05 9.76 1.24
C HIS C 260 15.51 9.86 1.63
N GLU C 261 16.34 9.10 0.93
CA GLU C 261 17.78 9.17 1.17
C GLU C 261 18.38 10.16 0.18
N ILE C 262 18.84 11.28 0.71
CA ILE C 262 19.14 12.47 -0.09
C ILE C 262 20.65 12.60 -0.28
N LEU C 263 21.06 12.60 -1.55
CA LEU C 263 22.42 12.94 -1.96
C LEU C 263 22.44 14.41 -2.40
N THR C 264 23.30 15.22 -1.77
CA THR C 264 23.40 16.63 -2.10
C THR C 264 24.53 16.86 -3.09
N VAL C 265 24.21 17.47 -4.23
CA VAL C 265 25.24 17.85 -5.20
C VAL C 265 25.09 19.32 -5.53
N TYR C 266 26.15 19.90 -6.09
CA TYR C 266 26.14 21.32 -6.40
C TYR C 266 25.40 21.61 -7.70
N LYS C 267 25.61 20.81 -8.74
CA LYS C 267 25.00 21.04 -10.03
C LYS C 267 24.53 19.71 -10.60
N ALA C 268 23.45 19.74 -11.38
CA ALA C 268 22.93 18.55 -12.03
C ALA C 268 22.34 18.93 -13.39
N CYS C 269 22.13 17.93 -14.23
CA CYS C 269 21.68 18.12 -15.59
C CYS C 269 20.52 17.18 -15.87
N ASN C 270 19.85 17.45 -16.97
CA ASN C 270 18.77 16.63 -17.49
C ASN C 270 17.53 16.62 -16.57
N LEU C 271 17.29 17.69 -15.84
CA LEU C 271 16.17 17.77 -14.91
C LEU C 271 15.24 18.93 -15.32
N ASN C 272 13.93 18.71 -15.15
CA ASN C 272 12.94 19.77 -15.37
C ASN C 272 12.31 20.03 -14.01
N LEU C 273 12.11 21.30 -13.66
CA LEU C 273 11.57 21.62 -12.32
C LEU C 273 10.05 21.64 -12.40
N ILE C 274 9.38 21.46 -11.28
CA ILE C 274 7.88 21.40 -11.30
C ILE C 274 7.32 22.61 -10.58
N GLY C 275 7.06 23.70 -11.31
CA GLY C 275 6.34 24.80 -10.71
C GLY C 275 7.24 25.77 -9.96
N ARG C 276 6.70 26.34 -8.87
CA ARG C 276 7.40 27.33 -8.07
C ARG C 276 7.97 26.76 -6.77
N PRO C 277 9.01 27.40 -6.25
CA PRO C 277 9.65 26.90 -5.02
C PRO C 277 8.67 26.90 -3.86
N SER C 278 8.96 26.05 -2.88
CA SER C 278 8.19 26.06 -1.64
C SER C 278 9.15 26.12 -0.47
N THR C 279 8.66 26.67 0.63
CA THR C 279 9.42 26.75 1.87
C THR C 279 8.88 25.85 2.97
N GLU C 280 7.83 25.09 2.69
CA GLU C 280 7.15 24.31 3.71
C GLU C 280 7.95 23.05 4.04
N HIS C 281 8.17 22.79 5.33
CA HIS C 281 8.72 21.53 5.79
C HIS C 281 10.07 21.21 5.11
N SER C 282 10.83 22.25 4.79
CA SER C 282 12.11 22.10 4.13
C SER C 282 13.09 21.34 4.99
N TRP C 283 13.77 20.36 4.40
CA TRP C 283 14.76 19.61 5.14
C TRP C 283 16.06 20.38 5.39
N PHE C 284 16.33 21.43 4.60
CA PHE C 284 17.53 22.25 4.77
C PHE C 284 17.06 23.66 5.09
N PRO C 285 17.01 24.03 6.37
CA PRO C 285 16.42 25.32 6.76
C PRO C 285 17.14 26.50 6.14
N GLY C 286 16.36 27.51 5.71
CA GLY C 286 16.88 28.64 4.99
C GLY C 286 16.83 28.47 3.49
N TYR C 287 16.66 27.23 3.02
CA TYR C 287 16.49 26.91 1.62
C TYR C 287 15.05 26.52 1.34
N ALA C 288 14.61 26.82 0.13
CA ALA C 288 13.33 26.45 -0.41
C ALA C 288 13.52 25.30 -1.39
N TRP C 289 12.41 24.67 -1.77
CA TRP C 289 12.55 23.45 -2.59
C TRP C 289 11.60 23.43 -3.78
N THR C 290 12.02 22.78 -4.85
CA THR C 290 11.17 22.61 -6.04
C THR C 290 11.43 21.20 -6.56
N VAL C 291 10.36 20.46 -6.83
CA VAL C 291 10.54 19.05 -7.24
C VAL C 291 11.30 19.00 -8.56
N ALA C 292 12.24 18.06 -8.68
CA ALA C 292 13.02 17.89 -9.89
C ALA C 292 12.68 16.57 -10.55
N GLN C 293 12.55 16.56 -11.87
CA GLN C 293 12.18 15.33 -12.58
C GLN C 293 13.03 15.18 -13.84
N CYS C 294 13.17 13.94 -14.28
CA CYS C 294 14.00 13.62 -15.47
C CYS C 294 13.36 14.19 -16.73
N LYS C 295 14.16 14.81 -17.60
CA LYS C 295 13.61 15.44 -18.83
C LYS C 295 13.16 14.40 -19.82
N ILE C 296 13.66 13.17 -19.71
CA ILE C 296 13.34 12.13 -20.73
C ILE C 296 12.17 11.27 -20.28
N CYS C 297 12.15 10.80 -19.02
CA CYS C 297 11.09 9.86 -18.59
C CYS C 297 10.11 10.53 -17.61
N ALA C 298 10.47 11.69 -17.10
CA ALA C 298 9.60 12.41 -16.16
C ALA C 298 9.47 11.75 -14.80
N SER C 299 10.39 10.86 -14.44
CA SER C 299 10.33 10.23 -13.13
C SER C 299 10.93 11.18 -12.10
N HIS C 300 10.34 11.23 -10.92
CA HIS C 300 10.87 12.08 -9.87
C HIS C 300 12.29 11.68 -9.56
N ILE C 301 13.17 12.65 -9.52
CA ILE C 301 14.56 12.42 -9.18
C ILE C 301 14.95 13.09 -7.86
N GLY C 302 14.30 14.22 -7.58
CA GLY C 302 14.59 14.88 -6.30
C GLY C 302 14.05 16.29 -6.23
N TRP C 303 14.84 17.17 -5.64
CA TRP C 303 14.39 18.57 -5.46
C TRP C 303 15.58 19.50 -5.66
N LYS C 304 15.33 20.71 -6.15
CA LYS C 304 16.39 21.72 -6.27
C LYS C 304 16.19 22.69 -5.10
N PHE C 305 17.29 23.01 -4.43
CA PHE C 305 17.19 23.87 -3.24
C PHE C 305 17.74 25.25 -3.59
N THR C 306 17.00 26.29 -3.23
CA THR C 306 17.40 27.65 -3.52
C THR C 306 17.42 28.44 -2.22
N ALA C 307 18.51 29.18 -1.99
CA ALA C 307 18.60 29.98 -0.78
C ALA C 307 17.48 30.99 -0.73
N THR C 308 17.06 31.37 0.48
CA THR C 308 16.03 32.39 0.65
C THR C 308 16.61 33.72 1.11
N LYS C 309 17.93 33.74 1.31
CA LYS C 309 18.65 34.99 1.68
C LYS C 309 19.99 35.00 0.93
N LYS C 310 20.62 36.16 0.76
CA LYS C 310 21.86 36.24 -0.06
C LYS C 310 23.10 35.88 0.77
N ASP C 311 23.01 35.99 2.08
CA ASP C 311 24.15 35.68 2.97
C ASP C 311 24.45 34.17 2.92
N MET C 312 23.56 33.39 2.32
CA MET C 312 23.70 31.91 2.33
C MET C 312 24.99 31.50 1.62
N SER C 313 25.82 30.71 2.31
CA SER C 313 27.11 30.25 1.73
C SER C 313 26.93 29.50 0.42
N PRO C 314 26.16 28.39 0.33
CA PRO C 314 25.76 27.81 -0.94
C PRO C 314 24.44 28.51 -1.30
N GLN C 315 24.23 28.86 -2.57
CA GLN C 315 23.01 29.64 -2.94
C GLN C 315 21.97 28.70 -3.55
N LYS C 316 22.38 27.84 -4.48
CA LYS C 316 21.43 26.86 -5.04
C LYS C 316 22.07 25.48 -4.96
N PHE C 317 21.31 24.45 -4.60
CA PHE C 317 21.88 23.08 -4.62
C PHE C 317 20.82 22.04 -4.98
N TRP C 318 21.25 20.81 -5.21
CA TRP C 318 20.32 19.74 -5.59
C TRP C 318 20.38 18.61 -4.56
N GLY C 319 19.20 18.16 -4.13
CA GLY C 319 19.10 17.01 -3.22
C GLY C 319 18.38 15.90 -3.94
N LEU C 320 19.10 14.86 -4.34
CA LEU C 320 18.51 13.78 -5.16
C LEU C 320 18.20 12.56 -4.30
N THR C 321 17.21 11.78 -4.70
CA THR C 321 16.79 10.61 -3.90
C THR C 321 17.52 9.38 -4.43
N ARG C 322 18.22 8.66 -3.56
CA ARG C 322 19.03 7.51 -4.06
C ARG C 322 18.08 6.56 -4.77
N SER C 323 16.82 6.56 -4.39
CA SER C 323 15.85 5.59 -4.96
C SER C 323 15.72 5.79 -6.47
N ALA C 324 16.01 6.99 -6.98
CA ALA C 324 15.75 7.26 -8.42
C ALA C 324 17.04 7.20 -9.25
N LEU C 325 18.19 7.11 -8.59
CA LEU C 325 19.49 7.15 -9.32
C LEU C 325 20.14 5.78 -9.37
N ILE C 326 20.91 5.51 -10.43
CA ILE C 326 21.68 4.24 -10.55
C ILE C 326 23.11 4.64 -10.88
N PRO C 327 24.18 3.99 -10.33
CA PRO C 327 25.55 4.36 -10.69
C PRO C 327 25.92 4.18 -12.17
N THR C 328 26.74 5.08 -12.70
CA THR C 328 27.16 5.05 -14.13
C THR C 328 25.95 4.84 -15.03
N PRO D 6 -2.77 23.59 -5.25
CA PRO D 6 -3.65 23.03 -4.22
C PRO D 6 -3.62 21.50 -4.26
N PHE D 7 -3.31 20.93 -5.41
CA PHE D 7 -3.20 19.45 -5.52
C PHE D 7 -1.75 19.04 -5.29
N GLN D 8 -1.43 18.54 -4.09
CA GLN D 8 -0.02 18.24 -3.75
C GLN D 8 0.22 16.75 -3.65
N CYS D 9 1.33 16.29 -4.21
CA CYS D 9 1.72 14.89 -4.12
C CYS D 9 2.21 14.59 -2.71
N ASN D 10 1.78 13.46 -2.16
CA ASN D 10 2.22 13.05 -0.82
C ASN D 10 3.66 12.53 -0.75
N GLN D 11 4.25 12.11 -1.87
CA GLN D 11 5.62 11.63 -1.83
C GLN D 11 6.65 12.76 -1.87
N CYS D 12 6.48 13.66 -2.86
CA CYS D 12 7.51 14.70 -3.16
C CYS D 12 7.08 16.15 -2.87
N GLY D 13 5.79 16.43 -2.77
CA GLY D 13 5.38 17.79 -2.56
C GLY D 13 5.05 18.59 -3.80
N ALA D 14 5.19 18.02 -5.00
CA ALA D 14 4.90 18.75 -6.23
C ALA D 14 3.43 19.15 -6.34
N SER D 15 3.16 20.45 -6.47
CA SER D 15 1.79 20.95 -6.50
C SER D 15 1.34 21.26 -7.91
N PHE D 16 0.06 21.01 -8.19
CA PHE D 16 -0.50 21.20 -9.51
C PHE D 16 -1.76 22.06 -9.43
N THR D 17 -2.07 22.74 -10.54
CA THR D 17 -3.32 23.49 -10.59
C THR D 17 -4.52 22.59 -10.83
N GLN D 18 -4.33 21.51 -11.60
CA GLN D 18 -5.43 20.56 -11.91
C GLN D 18 -5.11 19.15 -11.41
N LYS D 19 -6.12 18.40 -10.97
CA LYS D 19 -5.90 17.06 -10.38
C LYS D 19 -5.44 16.07 -11.45
N GLY D 20 -5.93 16.21 -12.68
CA GLY D 20 -5.52 15.32 -13.78
C GLY D 20 -4.01 15.34 -13.94
N ASN D 21 -3.41 16.49 -13.68
CA ASN D 21 -1.93 16.58 -13.70
C ASN D 21 -1.39 15.83 -12.48
N LEU D 22 -1.97 16.07 -11.30
CA LEU D 22 -1.52 15.33 -10.12
C LEU D 22 -1.60 13.82 -10.31
N LEU D 23 -2.76 13.32 -10.73
CA LEU D 23 -2.91 11.87 -10.88
C LEU D 23 -1.87 11.27 -11.81
N ARG D 24 -1.59 11.91 -12.93
CA ARG D 24 -0.62 11.28 -13.82
C ARG D 24 0.80 11.48 -13.37
N HIS D 25 1.03 12.39 -12.41
CA HIS D 25 2.31 12.50 -11.73
C HIS D 25 2.46 11.39 -10.67
N ILE D 26 1.39 11.14 -9.91
CA ILE D 26 1.41 10.06 -8.89
C ILE D 26 1.71 8.75 -9.63
N LYS D 27 1.15 8.59 -10.82
CA LYS D 27 1.38 7.36 -11.56
C LYS D 27 2.83 7.20 -12.00
N LEU D 28 3.63 8.26 -11.94
CA LEU D 28 5.04 8.13 -12.29
C LEU D 28 5.85 7.57 -11.15
N HIS D 29 5.43 7.85 -9.92
CA HIS D 29 6.15 7.34 -8.72
C HIS D 29 6.03 5.82 -8.68
N SER D 30 5.12 5.27 -9.47
CA SER D 30 4.90 3.81 -9.49
C SER D 30 5.21 3.23 -10.87
N GLY D 31 6.24 3.75 -11.56
CA GLY D 31 6.65 3.23 -12.87
C GLY D 31 5.80 3.73 -14.03
N GLU D 32 4.47 3.68 -13.90
CA GLU D 32 3.58 4.04 -15.02
C GLU D 32 3.76 5.51 -15.41
#